data_2EBH
#
_entry.id   2EBH
#
_cell.length_a   110.755
_cell.length_b   150.559
_cell.length_c   77.910
_cell.angle_alpha   90.00
_cell.angle_beta   104.54
_cell.angle_gamma   90.00
#
_symmetry.space_group_name_H-M   'C 1 2 1'
#
loop_
_entity.id
_entity.type
_entity.pdbx_description
1 polymer 'Dermonecrotic toxin'
2 branched alpha-D-glucopyranose-(1-1)-alpha-D-glucopyranose
3 water water
#
_entity_poly.entity_id   1
_entity_poly.type   'polypeptide(L)'
_entity_poly.pdbx_seq_one_letter_code
;MGHHHHHHDYDIPTTENLYFQGAHMGIQRVSNAKLLGGSPYSPFRIGLEGVWTPEVLKARASVIGKPIGESYKRILAKLQ
RIHNSNILDERQGLMHELMELIDLYEESQPSSERLNAFRELRTQLEKALYLPEMEALKKQILQIPNKGSGAARFLLRTAM
NEMAGKTSESTADLIRFALQDTVISAPFRGYAGAIPEAIDFPVKYVIEDISVFDKIQTNYWELPAYESWNEGSNSALLPG
LLRESQSKGMLSKCRIIENSLYIGHSYEEMFYSISPYSNQVGGPYELYPFTFFSMLQEVQGDLGFEQAFATRNFFNTLVS
DRLSLMENTMLLTESFDYTPWDAIYGDINYDEQFAAMSINERIEKCMNTYRGVAFQNSSKSIDFFLNNLTTFIDNGLTEI
AISDLPYDIVQQEISQFLQGSNEWKTLDAMLFNLDKGDINGAFRKLLQSAKDNNIKFRAIGHSDNSVPPFNNPYKSLYYK
GNIIAEAIEKLDREGQKFVVFADSSLLNSTPGTGRPMPGLVQYLKIPATVVDSDGAWQFLPDVASSRVPIEVTELENWQV
LTPPQGKILGLKQFKLTAGFPTEQSRLPLLENSVSEDLREELMQKIDAIKNDVKMNSLVCMEAGSSDSVSPKVAARLKDM
GLEAGMGASITWWRREGGMEFSHQMHTTASFKFAGKEFAVDASHLQFVHDQLDTTILILPVDDWALEIAQRNRAINPFVE
YVSKTGNMLALFMPPLFTKPRLTRAL
;
_entity_poly.pdbx_strand_id   X
#
# COMPACT_ATOMS: atom_id res chain seq x y z
N LEU A 36 -17.64 17.86 8.92
CA LEU A 36 -18.00 18.17 7.49
C LEU A 36 -17.44 17.12 6.52
N GLY A 37 -18.33 16.27 6.00
CA GLY A 37 -17.98 15.27 5.00
C GLY A 37 -18.07 15.84 3.60
N GLY A 38 -17.09 16.69 3.24
CA GLY A 38 -17.06 17.35 1.94
C GLY A 38 -17.24 18.86 2.07
N SER A 39 -16.30 19.51 2.75
CA SER A 39 -16.37 20.95 3.02
C SER A 39 -16.16 21.82 1.77
N PRO A 40 -16.96 22.90 1.65
CA PRO A 40 -16.77 23.91 0.59
C PRO A 40 -15.49 24.75 0.77
N TYR A 41 -14.82 24.57 1.91
CA TYR A 41 -13.59 25.30 2.21
C TYR A 41 -12.33 24.47 1.94
N SER A 42 -12.51 23.18 1.72
CA SER A 42 -11.41 22.28 1.41
C SER A 42 -10.84 22.54 0.00
N PRO A 43 -9.50 22.53 -0.12
CA PRO A 43 -8.90 22.62 -1.47
C PRO A 43 -9.17 21.34 -2.28
N PHE A 44 -9.45 20.23 -1.59
CA PHE A 44 -9.66 18.95 -2.23
C PHE A 44 -11.16 18.59 -2.32
N ARG A 45 -11.99 19.56 -2.66
CA ARG A 45 -13.42 19.31 -2.78
C ARG A 45 -13.80 18.77 -4.16
N ILE A 46 -12.86 18.84 -5.10
CA ILE A 46 -13.03 18.34 -6.47
C ILE A 46 -14.35 18.87 -7.06
N GLY A 47 -14.45 20.20 -7.09
CA GLY A 47 -15.63 20.89 -7.57
C GLY A 47 -15.77 20.82 -9.08
N LEU A 48 -17.02 20.76 -9.54
CA LEU A 48 -17.32 20.54 -10.95
C LEU A 48 -17.73 21.81 -11.70
N GLU A 49 -17.60 22.96 -11.03
CA GLU A 49 -18.04 24.26 -11.58
C GLU A 49 -17.40 24.62 -12.92
N GLY A 50 -16.18 24.15 -13.14
CA GLY A 50 -15.46 24.45 -14.38
C GLY A 50 -15.40 23.31 -15.37
N VAL A 51 -16.24 22.30 -15.15
CA VAL A 51 -16.32 21.14 -16.04
C VAL A 51 -17.69 21.11 -16.70
N TRP A 52 -17.69 21.05 -18.03
CA TRP A 52 -18.93 20.99 -18.82
C TRP A 52 -19.88 19.89 -18.40
N THR A 53 -21.17 20.17 -18.55
CA THR A 53 -22.22 19.18 -18.40
C THR A 53 -22.40 18.46 -19.74
N PRO A 54 -23.05 17.27 -19.74
CA PRO A 54 -23.33 16.59 -21.00
C PRO A 54 -24.01 17.47 -22.07
N GLU A 55 -25.02 18.24 -21.69
CA GLU A 55 -25.75 19.09 -22.63
C GLU A 55 -24.89 20.19 -23.26
N VAL A 56 -23.96 20.73 -22.48
CA VAL A 56 -23.02 21.72 -23.00
C VAL A 56 -22.06 21.08 -24.00
N LEU A 57 -21.62 19.85 -23.67
CA LEU A 57 -20.77 19.07 -24.58
C LEU A 57 -21.46 18.77 -25.91
N LYS A 58 -22.72 18.31 -25.87
CA LYS A 58 -23.53 18.03 -27.07
C LYS A 58 -23.48 19.16 -28.08
N ALA A 59 -23.74 20.37 -27.60
CA ALA A 59 -23.75 21.56 -28.44
C ALA A 59 -22.35 21.89 -28.97
N ARG A 60 -21.34 21.63 -28.15
CA ARG A 60 -19.95 21.94 -28.51
C ARG A 60 -19.35 20.94 -29.49
N ALA A 61 -19.74 19.67 -29.34
CA ALA A 61 -19.18 18.59 -30.13
C ALA A 61 -20.10 18.13 -31.26
N SER A 62 -21.22 18.80 -31.43
CA SER A 62 -22.16 18.51 -32.52
C SER A 62 -21.51 18.81 -33.88
N VAL A 63 -21.64 17.85 -34.79
CA VAL A 63 -21.19 18.02 -36.17
C VAL A 63 -22.36 17.70 -37.09
N ILE A 64 -22.56 18.54 -38.10
CA ILE A 64 -23.68 18.40 -39.03
C ILE A 64 -23.58 17.11 -39.85
N GLY A 65 -24.60 16.26 -39.71
CA GLY A 65 -24.68 15.00 -40.45
C GLY A 65 -24.00 13.81 -39.78
N LYS A 66 -23.37 14.04 -38.63
CA LYS A 66 -22.73 12.99 -37.87
C LYS A 66 -23.53 12.68 -36.60
N PRO A 67 -24.23 11.54 -36.57
CA PRO A 67 -24.94 11.11 -35.35
C PRO A 67 -23.95 10.66 -34.27
N ILE A 68 -24.42 10.63 -33.02
CA ILE A 68 -23.59 10.25 -31.89
C ILE A 68 -23.16 8.77 -31.98
N GLY A 69 -21.86 8.56 -32.18
CA GLY A 69 -21.26 7.22 -32.22
C GLY A 69 -21.18 6.57 -30.85
N GLU A 70 -20.65 5.35 -30.80
CA GLU A 70 -20.63 4.57 -29.55
C GLU A 70 -19.53 4.99 -28.57
N SER A 71 -18.40 5.47 -29.11
CA SER A 71 -17.34 6.06 -28.29
C SER A 71 -17.85 7.32 -27.60
N TYR A 72 -18.49 8.17 -28.39
CA TYR A 72 -19.01 9.45 -27.94
C TYR A 72 -20.19 9.31 -26.97
N LYS A 73 -21.00 8.28 -27.15
CA LYS A 73 -22.16 8.08 -26.25
C LYS A 73 -21.72 7.57 -24.88
N ARG A 74 -20.61 6.85 -24.83
CA ARG A 74 -20.00 6.41 -23.57
C ARG A 74 -19.21 7.52 -22.88
N ILE A 75 -18.68 8.45 -23.67
CA ILE A 75 -18.07 9.67 -23.14
C ILE A 75 -19.14 10.55 -22.47
N LEU A 76 -20.33 10.62 -23.09
CA LEU A 76 -21.45 11.39 -22.56
C LEU A 76 -22.05 10.78 -21.30
N ALA A 77 -22.09 9.45 -21.24
CA ALA A 77 -22.61 8.75 -20.07
C ALA A 77 -21.67 8.84 -18.87
N LYS A 78 -20.36 8.84 -19.15
CA LYS A 78 -19.34 8.99 -18.12
C LYS A 78 -19.36 10.40 -17.53
N LEU A 79 -19.52 11.40 -18.39
CA LEU A 79 -19.66 12.79 -17.94
C LEU A 79 -20.87 12.95 -17.02
N GLN A 80 -21.99 12.32 -17.37
CA GLN A 80 -23.19 12.41 -16.54
C GLN A 80 -22.97 11.80 -15.16
N ARG A 81 -22.29 10.66 -15.13
CA ARG A 81 -21.97 9.99 -13.86
C ARG A 81 -21.11 10.87 -12.96
N ILE A 82 -20.14 11.56 -13.56
CA ILE A 82 -19.28 12.50 -12.83
C ILE A 82 -20.10 13.60 -12.15
N HIS A 83 -21.07 14.15 -12.88
CA HIS A 83 -21.90 15.22 -12.37
C HIS A 83 -22.94 14.74 -11.35
N ASN A 84 -23.24 13.44 -11.36
CA ASN A 84 -24.16 12.85 -10.38
C ASN A 84 -23.46 12.23 -9.18
N SER A 85 -22.13 12.25 -9.22
CA SER A 85 -21.34 11.61 -8.16
C SER A 85 -21.26 12.44 -6.88
N ASN A 86 -21.64 11.83 -5.76
CA ASN A 86 -21.63 12.46 -4.45
C ASN A 86 -20.36 12.14 -3.67
N ILE A 87 -19.87 10.91 -3.84
CA ILE A 87 -18.66 10.44 -3.18
C ILE A 87 -17.44 10.95 -3.96
N LEU A 88 -16.66 11.79 -3.30
CA LEU A 88 -15.57 12.53 -3.94
C LEU A 88 -14.46 11.64 -4.50
N ASP A 89 -14.07 10.61 -3.76
CA ASP A 89 -13.08 9.64 -4.24
C ASP A 89 -13.54 8.97 -5.54
N GLU A 90 -14.82 8.58 -5.59
CA GLU A 90 -15.40 7.99 -6.79
C GLU A 90 -15.41 8.99 -7.94
N ARG A 91 -15.86 10.21 -7.65
CA ARG A 91 -15.90 11.30 -8.62
C ARG A 91 -14.56 11.50 -9.34
N GLN A 92 -13.47 11.65 -8.58
CA GLN A 92 -12.16 11.83 -9.18
C GLN A 92 -11.71 10.59 -9.96
N GLY A 93 -12.13 9.42 -9.48
CA GLY A 93 -11.92 8.16 -10.19
C GLY A 93 -12.55 8.17 -11.56
N LEU A 94 -13.84 8.54 -11.60
CA LEU A 94 -14.59 8.65 -12.85
C LEU A 94 -14.01 9.70 -13.80
N MET A 95 -13.49 10.79 -13.24
CA MET A 95 -12.87 11.85 -14.01
C MET A 95 -11.59 11.38 -14.71
N HIS A 96 -10.81 10.57 -14.00
CA HIS A 96 -9.61 9.95 -14.58
C HIS A 96 -9.98 8.97 -15.70
N GLU A 97 -11.07 8.23 -15.50
CA GLU A 97 -11.63 7.35 -16.52
C GLU A 97 -12.03 8.09 -17.78
N LEU A 98 -12.71 9.23 -17.61
CA LEU A 98 -13.10 10.07 -18.74
C LEU A 98 -11.88 10.57 -19.51
N MET A 99 -10.81 10.93 -18.81
CA MET A 99 -9.58 11.38 -19.46
C MET A 99 -9.04 10.28 -20.39
N GLU A 100 -9.09 9.02 -19.93
CA GLU A 100 -8.63 7.90 -20.74
C GLU A 100 -9.48 7.70 -21.99
N LEU A 101 -10.80 7.78 -21.84
CA LEU A 101 -11.72 7.65 -22.96
C LEU A 101 -11.46 8.68 -24.04
N ILE A 102 -11.12 9.90 -23.60
CA ILE A 102 -10.75 10.98 -24.51
C ILE A 102 -9.39 10.71 -25.17
N ASP A 103 -8.44 10.16 -24.41
CA ASP A 103 -7.14 9.75 -24.96
C ASP A 103 -7.33 8.70 -26.06
N LEU A 104 -8.18 7.71 -25.78
CA LEU A 104 -8.45 6.63 -26.73
C LEU A 104 -9.17 7.11 -27.99
N TYR A 105 -10.21 7.93 -27.80
CA TYR A 105 -10.92 8.56 -28.92
C TYR A 105 -9.95 9.38 -29.79
N GLU A 106 -9.07 10.14 -29.16
CA GLU A 106 -8.11 10.99 -29.86
C GLU A 106 -7.12 10.16 -30.70
N GLU A 107 -6.72 9.01 -30.16
CA GLU A 107 -5.79 8.10 -30.82
C GLU A 107 -6.46 7.37 -31.99
N SER A 108 -7.70 6.92 -31.81
CA SER A 108 -8.42 6.18 -32.84
C SER A 108 -9.10 7.06 -33.92
N GLN A 109 -9.38 8.33 -33.59
CA GLN A 109 -9.97 9.26 -34.55
C GLN A 109 -9.18 10.56 -34.62
N PRO A 110 -7.94 10.51 -35.14
CA PRO A 110 -7.03 11.67 -35.10
C PRO A 110 -7.52 12.90 -35.90
N SER A 111 -8.45 12.68 -36.82
CA SER A 111 -8.97 13.74 -37.67
C SER A 111 -10.44 14.04 -37.38
N SER A 112 -10.95 13.51 -36.26
CA SER A 112 -12.32 13.78 -35.85
C SER A 112 -12.50 15.26 -35.58
N GLU A 113 -13.66 15.77 -35.97
CA GLU A 113 -13.97 17.18 -35.83
C GLU A 113 -14.53 17.51 -34.44
N ARG A 114 -14.82 16.46 -33.66
CA ARG A 114 -15.23 16.59 -32.26
C ARG A 114 -14.05 16.80 -31.29
N LEU A 115 -12.83 16.85 -31.82
CA LEU A 115 -11.61 16.88 -30.99
C LEU A 115 -11.33 18.19 -30.26
N ASN A 116 -11.80 19.31 -30.81
CA ASN A 116 -11.70 20.60 -30.12
C ASN A 116 -12.45 20.59 -28.78
N ALA A 117 -13.67 20.08 -28.80
CA ALA A 117 -14.51 20.00 -27.62
C ALA A 117 -13.93 19.03 -26.59
N PHE A 118 -13.45 17.89 -27.09
CA PHE A 118 -12.91 16.83 -26.24
C PHE A 118 -11.60 17.22 -25.56
N ARG A 119 -10.71 17.88 -26.31
CA ARG A 119 -9.46 18.41 -25.75
C ARG A 119 -9.71 19.46 -24.68
N GLU A 120 -10.78 20.24 -24.88
CA GLU A 120 -11.22 21.26 -23.94
C GLU A 120 -11.73 20.61 -22.65
N LEU A 121 -12.58 19.60 -22.80
CA LEU A 121 -13.10 18.84 -21.67
C LEU A 121 -11.99 18.17 -20.86
N ARG A 122 -11.05 17.54 -21.56
CA ARG A 122 -9.90 16.89 -20.92
C ARG A 122 -9.08 17.86 -20.06
N THR A 123 -8.86 19.07 -20.56
CA THR A 123 -8.13 20.10 -19.81
C THR A 123 -8.88 20.55 -18.55
N GLN A 124 -10.20 20.65 -18.65
CA GLN A 124 -11.06 21.02 -17.52
C GLN A 124 -10.97 19.96 -16.43
N LEU A 125 -10.93 18.70 -16.84
CA LEU A 125 -10.82 17.58 -15.91
C LEU A 125 -9.49 17.62 -15.15
N GLU A 126 -8.40 17.86 -15.88
CA GLU A 126 -7.07 18.00 -15.28
C GLU A 126 -7.04 19.11 -14.25
N LYS A 127 -7.57 20.28 -14.62
CA LYS A 127 -7.59 21.45 -13.74
C LYS A 127 -8.56 21.35 -12.54
N ALA A 128 -9.61 20.55 -12.69
CA ALA A 128 -10.50 20.24 -11.57
C ALA A 128 -9.83 19.32 -10.54
N LEU A 129 -8.99 18.42 -11.02
CA LEU A 129 -8.29 17.44 -10.19
C LEU A 129 -6.98 17.96 -9.61
N TYR A 130 -6.23 18.71 -10.42
CA TYR A 130 -4.88 19.10 -10.10
C TYR A 130 -4.77 20.62 -9.99
N LEU A 131 -4.66 21.09 -8.75
CA LEU A 131 -4.48 22.51 -8.43
C LEU A 131 -3.13 23.03 -8.98
N PRO A 132 -3.00 24.35 -9.19
CA PRO A 132 -1.77 24.91 -9.79
C PRO A 132 -0.46 24.52 -9.09
N GLU A 133 -0.50 24.38 -7.77
CA GLU A 133 0.67 23.98 -7.00
C GLU A 133 0.97 22.47 -7.08
N MET A 134 0.20 21.76 -7.90
CA MET A 134 0.38 20.32 -8.06
C MET A 134 0.94 19.94 -9.43
N GLU A 135 1.49 20.91 -10.16
CA GLU A 135 2.08 20.68 -11.50
C GLU A 135 2.96 19.43 -11.58
N ALA A 136 3.93 19.33 -10.67
CA ALA A 136 4.92 18.24 -10.69
C ALA A 136 4.27 16.90 -10.40
N LEU A 137 3.29 16.90 -9.49
CA LEU A 137 2.51 15.71 -9.20
C LEU A 137 1.71 15.30 -10.42
N LYS A 138 0.96 16.26 -10.96
CA LYS A 138 0.16 16.07 -12.18
C LYS A 138 0.99 15.46 -13.32
N LYS A 139 2.17 16.01 -13.58
CA LYS A 139 3.02 15.51 -14.66
C LYS A 139 3.38 14.04 -14.44
N GLN A 140 3.77 13.69 -13.20
CA GLN A 140 4.18 12.32 -12.89
C GLN A 140 3.04 11.30 -13.01
N ILE A 141 1.88 11.65 -12.43
CA ILE A 141 0.71 10.76 -12.43
C ILE A 141 0.11 10.57 -13.82
N LEU A 142 -0.05 11.67 -14.56
CA LEU A 142 -0.70 11.59 -15.88
C LEU A 142 0.21 11.09 -17.01
N GLN A 143 1.49 10.88 -16.73
CA GLN A 143 2.39 10.21 -17.69
C GLN A 143 2.26 8.69 -17.68
N ILE A 144 1.72 8.15 -16.58
CA ILE A 144 1.39 6.72 -16.49
C ILE A 144 0.26 6.40 -17.47
N PRO A 145 0.44 5.37 -18.31
CA PRO A 145 -0.61 5.00 -19.27
C PRO A 145 -1.88 4.51 -18.58
N ASN A 146 -2.98 4.49 -19.32
CA ASN A 146 -4.27 4.00 -18.82
C ASN A 146 -4.71 4.78 -17.60
N LYS A 147 -5.17 6.01 -17.82
CA LYS A 147 -5.59 6.90 -16.74
C LYS A 147 -6.78 6.37 -15.93
N GLY A 148 -7.59 5.51 -16.55
CA GLY A 148 -8.75 4.94 -15.90
C GLY A 148 -8.53 3.55 -15.33
N SER A 149 -7.26 3.16 -15.19
CA SER A 149 -6.90 1.84 -14.66
C SER A 149 -6.97 1.73 -13.14
N GLY A 150 -7.07 2.87 -12.45
CA GLY A 150 -7.04 2.89 -10.99
C GLY A 150 -5.74 3.38 -10.38
N ALA A 151 -4.67 3.50 -11.17
CA ALA A 151 -3.39 3.97 -10.65
C ALA A 151 -3.43 5.47 -10.32
N ALA A 152 -3.87 6.28 -11.29
CA ALA A 152 -4.03 7.72 -11.12
C ALA A 152 -4.99 8.07 -9.97
N ARG A 153 -6.08 7.31 -9.86
CA ARG A 153 -7.06 7.49 -8.81
C ARG A 153 -6.39 7.30 -7.46
N PHE A 154 -5.66 6.19 -7.33
CA PHE A 154 -4.94 5.84 -6.11
C PHE A 154 -3.85 6.86 -5.77
N LEU A 155 -3.06 7.25 -6.77
CA LEU A 155 -1.97 8.20 -6.56
C LEU A 155 -2.44 9.58 -6.11
N LEU A 156 -3.46 10.12 -6.78
CA LEU A 156 -4.07 11.39 -6.36
C LEU A 156 -4.70 11.32 -4.95
N ARG A 157 -5.42 10.23 -4.64
CA ARG A 157 -5.97 10.03 -3.30
C ARG A 157 -4.86 10.12 -2.27
N THR A 158 -3.78 9.38 -2.52
CA THR A 158 -2.62 9.33 -1.62
C THR A 158 -1.94 10.70 -1.49
N ALA A 159 -1.78 11.38 -2.61
CA ALA A 159 -1.14 12.70 -2.63
C ALA A 159 -1.92 13.72 -1.79
N MET A 160 -3.24 13.70 -1.92
CA MET A 160 -4.12 14.62 -1.21
C MET A 160 -4.14 14.35 0.30
N ASN A 161 -4.12 13.09 0.69
CA ASN A 161 -4.02 12.72 2.10
C ASN A 161 -2.67 13.11 2.69
N GLU A 162 -1.62 12.98 1.89
CA GLU A 162 -0.26 13.34 2.30
C GLU A 162 -0.14 14.85 2.52
N MET A 163 -0.72 15.64 1.62
CA MET A 163 -0.77 17.10 1.77
C MET A 163 -1.65 17.54 2.95
N ALA A 164 -2.68 16.77 3.24
CA ALA A 164 -3.56 17.07 4.36
C ALA A 164 -2.96 16.62 5.69
N GLY A 165 -1.83 15.92 5.63
CA GLY A 165 -1.16 15.37 6.80
C GLY A 165 -1.89 14.19 7.43
N LYS A 166 -2.64 13.46 6.61
CA LYS A 166 -3.45 12.33 7.08
C LYS A 166 -2.80 10.98 6.78
N THR A 167 -1.82 10.99 5.88
CA THR A 167 -1.01 9.81 5.62
C THR A 167 0.47 10.18 5.67
N SER A 168 1.33 9.19 5.84
CA SER A 168 2.77 9.42 5.90
C SER A 168 3.34 9.56 4.49
N GLU A 169 4.56 10.10 4.40
CA GLU A 169 5.23 10.36 3.13
C GLU A 169 5.41 9.08 2.30
N SER A 170 4.67 8.98 1.20
CA SER A 170 4.65 7.74 0.43
C SER A 170 4.45 7.91 -1.07
N THR A 171 3.90 9.06 -1.49
CA THR A 171 3.48 9.28 -2.88
C THR A 171 4.58 9.12 -3.93
N ALA A 172 5.72 9.77 -3.71
CA ALA A 172 6.82 9.72 -4.68
C ALA A 172 7.28 8.28 -4.91
N ASP A 173 7.39 7.51 -3.82
CA ASP A 173 7.83 6.12 -3.90
C ASP A 173 6.82 5.20 -4.57
N LEU A 174 5.52 5.46 -4.34
CA LEU A 174 4.47 4.73 -5.03
C LEU A 174 4.45 5.04 -6.52
N ILE A 175 4.70 6.31 -6.88
CA ILE A 175 4.92 6.69 -8.29
C ILE A 175 6.10 5.94 -8.90
N ARG A 176 7.19 5.80 -8.14
CA ARG A 176 8.35 5.07 -8.61
C ARG A 176 8.03 3.59 -8.83
N PHE A 177 7.28 3.01 -7.90
CA PHE A 177 6.84 1.62 -8.03
C PHE A 177 5.97 1.45 -9.28
N ALA A 178 5.07 2.40 -9.52
CA ALA A 178 4.14 2.36 -10.64
C ALA A 178 4.87 2.47 -11.99
N LEU A 179 5.88 3.31 -12.04
CA LEU A 179 6.62 3.56 -13.29
C LEU A 179 7.45 2.37 -13.77
N GLN A 180 7.88 1.53 -12.84
CA GLN A 180 8.69 0.34 -13.17
C GLN A 180 7.86 -0.93 -13.33
N ASP A 181 6.65 -0.95 -12.75
CA ASP A 181 5.81 -2.15 -12.77
C ASP A 181 5.35 -2.52 -14.19
N THR A 182 5.63 -3.77 -14.57
CA THR A 182 5.35 -4.25 -15.93
C THR A 182 3.85 -4.33 -16.28
N VAL A 183 2.99 -4.28 -15.27
CA VAL A 183 1.54 -4.21 -15.51
C VAL A 183 1.09 -2.74 -15.57
N ILE A 184 1.34 -2.00 -14.49
CA ILE A 184 0.82 -0.65 -14.32
C ILE A 184 1.35 0.33 -15.37
N SER A 185 2.63 0.21 -15.72
CA SER A 185 3.29 1.14 -16.64
C SER A 185 3.13 0.75 -18.11
N ALA A 186 2.35 -0.29 -18.36
CA ALA A 186 2.14 -0.80 -19.71
C ALA A 186 0.83 -0.28 -20.32
N PRO A 187 0.91 0.33 -21.53
CA PRO A 187 -0.31 0.68 -22.26
C PRO A 187 -1.12 -0.58 -22.55
N PHE A 188 -2.39 -0.58 -22.19
CA PHE A 188 -3.23 -1.78 -22.27
C PHE A 188 -3.50 -2.21 -23.71
N ARG A 189 -3.16 -3.46 -24.02
CA ARG A 189 -3.39 -4.04 -25.34
C ARG A 189 -4.25 -5.31 -25.25
N GLY A 190 -4.86 -5.54 -24.09
CA GLY A 190 -5.59 -6.78 -23.84
C GLY A 190 -7.03 -6.80 -24.29
N TYR A 191 -7.83 -7.63 -23.64
CA TYR A 191 -9.19 -7.92 -24.07
C TYR A 191 -10.24 -7.15 -23.27
N ALA A 192 -11.13 -6.45 -23.96
CA ALA A 192 -12.18 -5.66 -23.33
C ALA A 192 -13.60 -6.18 -23.57
N GLY A 193 -13.73 -7.22 -24.40
CA GLY A 193 -15.04 -7.77 -24.76
C GLY A 193 -15.75 -8.50 -23.64
N ALA A 194 -16.87 -9.12 -23.97
CA ALA A 194 -17.66 -9.85 -22.98
C ALA A 194 -17.16 -11.28 -22.80
N ILE A 195 -17.57 -11.89 -21.69
CA ILE A 195 -17.22 -13.28 -21.38
C ILE A 195 -18.43 -14.19 -21.58
N PRO A 196 -18.30 -15.24 -22.41
CA PRO A 196 -19.35 -16.24 -22.59
C PRO A 196 -19.81 -16.80 -21.25
N GLU A 197 -21.12 -17.08 -21.13
CA GLU A 197 -21.69 -17.46 -19.85
C GLU A 197 -21.49 -18.95 -19.52
N ALA A 198 -21.13 -19.73 -20.54
CA ALA A 198 -20.87 -21.17 -20.37
C ALA A 198 -19.59 -21.47 -19.59
N ILE A 199 -18.65 -20.53 -19.61
CA ILE A 199 -17.41 -20.61 -18.83
C ILE A 199 -17.72 -20.52 -17.33
N ASP A 200 -17.23 -21.50 -16.57
CA ASP A 200 -17.56 -21.60 -15.15
C ASP A 200 -16.41 -21.17 -14.23
N PHE A 201 -15.29 -20.74 -14.81
CA PHE A 201 -14.18 -20.21 -14.02
C PHE A 201 -14.02 -18.68 -14.21
N PRO A 202 -13.49 -17.97 -13.18
CA PRO A 202 -13.17 -16.56 -13.36
C PRO A 202 -12.01 -16.37 -14.33
N VAL A 203 -12.20 -15.51 -15.33
CA VAL A 203 -11.24 -15.35 -16.41
C VAL A 203 -10.22 -14.25 -16.13
N LYS A 204 -8.95 -14.56 -16.39
CA LYS A 204 -7.87 -13.59 -16.23
C LYS A 204 -7.37 -13.08 -17.59
N TYR A 205 -7.13 -14.00 -18.50
CA TYR A 205 -6.59 -13.68 -19.82
C TYR A 205 -7.45 -14.22 -20.96
N VAL A 206 -7.52 -13.47 -22.05
CA VAL A 206 -8.25 -13.88 -23.24
C VAL A 206 -7.45 -13.60 -24.51
N ILE A 207 -7.27 -14.65 -25.31
CA ILE A 207 -6.78 -14.50 -26.68
C ILE A 207 -8.02 -14.52 -27.56
N GLU A 208 -8.36 -13.35 -28.10
CA GLU A 208 -9.62 -13.14 -28.81
C GLU A 208 -9.66 -13.89 -30.14
N ASP A 209 -8.58 -13.78 -30.91
CA ASP A 209 -8.49 -14.43 -32.22
C ASP A 209 -7.41 -15.52 -32.22
N ILE A 210 -7.87 -16.77 -32.16
CA ILE A 210 -7.01 -17.95 -32.17
C ILE A 210 -5.97 -18.02 -33.31
N SER A 211 -6.30 -17.39 -34.44
CA SER A 211 -5.44 -17.41 -35.62
C SER A 211 -4.09 -16.70 -35.43
N VAL A 212 -3.93 -15.99 -34.30
CA VAL A 212 -2.67 -15.31 -34.00
C VAL A 212 -1.55 -16.30 -33.70
N PHE A 213 -1.94 -17.52 -33.34
CA PHE A 213 -0.98 -18.60 -33.09
C PHE A 213 -0.30 -19.08 -34.38
N ASP A 214 -1.03 -19.00 -35.50
CA ASP A 214 -0.51 -19.42 -36.79
C ASP A 214 0.44 -18.40 -37.41
N LYS A 215 0.51 -17.22 -36.79
CA LYS A 215 1.34 -16.12 -37.28
C LYS A 215 2.74 -16.11 -36.65
N ILE A 216 3.01 -17.04 -35.74
CA ILE A 216 4.29 -17.07 -35.01
C ILE A 216 5.38 -17.87 -35.73
N GLN A 217 6.63 -17.57 -35.40
CA GLN A 217 7.82 -18.18 -35.99
C GLN A 217 7.79 -19.72 -36.03
N THR A 218 7.54 -20.33 -34.87
CA THR A 218 7.71 -21.77 -34.69
C THR A 218 6.50 -22.59 -35.11
N ASN A 219 6.76 -23.65 -35.87
CA ASN A 219 5.76 -24.65 -36.23
C ASN A 219 5.76 -25.80 -35.23
N TYR A 220 4.89 -25.69 -34.22
CA TYR A 220 4.79 -26.70 -33.17
C TYR A 220 4.03 -27.94 -33.66
N TRP A 221 3.33 -27.79 -34.77
CA TRP A 221 2.59 -28.88 -35.41
C TRP A 221 3.53 -29.82 -36.17
N GLU A 222 4.73 -29.33 -36.48
CA GLU A 222 5.76 -30.12 -37.15
C GLU A 222 6.66 -30.87 -36.16
N LEU A 223 6.42 -30.67 -34.87
CA LEU A 223 7.19 -31.32 -33.82
C LEU A 223 6.96 -32.83 -33.77
N PRO A 224 8.06 -33.61 -33.57
CA PRO A 224 8.01 -35.07 -33.42
C PRO A 224 6.87 -35.58 -32.54
N ALA A 225 6.56 -34.85 -31.47
CA ALA A 225 5.52 -35.27 -30.52
C ALA A 225 4.09 -35.13 -31.07
N TYR A 226 3.95 -34.51 -32.24
CA TYR A 226 2.63 -34.24 -32.81
C TYR A 226 2.47 -34.73 -34.25
N GLU A 227 3.30 -35.68 -34.65
CA GLU A 227 3.23 -36.28 -35.98
C GLU A 227 2.01 -37.20 -36.11
N SER A 228 1.67 -37.89 -35.02
CA SER A 228 0.50 -38.79 -34.99
C SER A 228 -0.81 -38.03 -34.83
N TRP A 229 -0.72 -36.70 -34.71
CA TRP A 229 -1.88 -35.83 -34.65
C TRP A 229 -2.24 -35.37 -36.07
N ASN A 230 -1.21 -35.21 -36.89
CA ASN A 230 -1.32 -34.76 -38.28
C ASN A 230 -2.16 -33.49 -38.42
N GLU A 231 -1.60 -32.38 -37.96
CA GLU A 231 -2.31 -31.09 -37.93
C GLU A 231 -1.61 -30.05 -38.80
N GLY A 232 -2.42 -29.22 -39.45
CA GLY A 232 -1.92 -28.22 -40.38
C GLY A 232 -1.20 -27.05 -39.76
N SER A 233 -1.67 -26.60 -38.60
CA SER A 233 -1.15 -25.40 -37.96
C SER A 233 -1.18 -25.43 -36.43
N ASN A 234 -0.58 -24.41 -35.82
CA ASN A 234 -0.55 -24.23 -34.36
C ASN A 234 -1.95 -24.13 -33.76
N SER A 235 -2.83 -23.37 -34.42
CA SER A 235 -4.22 -23.18 -33.95
C SER A 235 -5.04 -24.47 -34.02
N ALA A 236 -4.59 -25.40 -34.87
CA ALA A 236 -5.23 -26.71 -35.01
C ALA A 236 -4.79 -27.67 -33.89
N LEU A 237 -3.54 -27.51 -33.44
CA LEU A 237 -3.03 -28.25 -32.28
C LEU A 237 -3.78 -27.90 -31.00
N LEU A 238 -4.10 -26.61 -30.89
CA LEU A 238 -4.58 -26.01 -29.65
C LEU A 238 -5.75 -26.73 -28.95
N PRO A 239 -6.82 -27.09 -29.69
CA PRO A 239 -7.91 -27.83 -29.02
C PRO A 239 -7.47 -29.19 -28.46
N GLY A 240 -6.52 -29.83 -29.12
CA GLY A 240 -5.99 -31.12 -28.69
C GLY A 240 -5.12 -30.98 -27.45
N LEU A 241 -4.19 -30.02 -27.49
CA LEU A 241 -3.29 -29.70 -26.37
C LEU A 241 -4.04 -29.48 -25.06
N LEU A 242 -5.17 -28.78 -25.13
CA LEU A 242 -5.99 -28.53 -23.96
C LEU A 242 -6.63 -29.82 -23.45
N ARG A 243 -7.27 -30.55 -24.37
CA ARG A 243 -8.01 -31.76 -24.07
C ARG A 243 -7.17 -32.83 -23.37
N GLU A 244 -5.94 -33.01 -23.86
CA GLU A 244 -5.04 -34.04 -23.34
C GLU A 244 -4.45 -33.66 -21.98
N SER A 245 -4.00 -32.41 -21.85
CA SER A 245 -3.53 -31.86 -20.58
C SER A 245 -4.63 -31.88 -19.53
N GLN A 246 -5.84 -31.53 -19.98
CA GLN A 246 -7.02 -31.40 -19.11
C GLN A 246 -7.35 -32.71 -18.38
N SER A 247 -7.08 -33.84 -19.04
CA SER A 247 -7.35 -35.15 -18.47
C SER A 247 -6.30 -35.54 -17.44
N LYS A 248 -5.03 -35.23 -17.74
CA LYS A 248 -3.93 -35.46 -16.81
C LYS A 248 -3.95 -34.57 -15.55
N GLY A 249 -4.87 -33.60 -15.53
CA GLY A 249 -5.04 -32.71 -14.38
C GLY A 249 -4.70 -31.26 -14.67
N MET A 250 -3.70 -31.05 -15.53
CA MET A 250 -3.21 -29.71 -15.88
C MET A 250 -4.18 -28.91 -16.78
N LEU A 251 -3.98 -27.59 -16.82
CA LEU A 251 -4.73 -26.67 -17.70
C LEU A 251 -6.26 -26.79 -17.67
N SER A 252 -6.81 -27.13 -16.51
CA SER A 252 -8.25 -27.33 -16.35
C SER A 252 -9.08 -26.06 -16.51
N LYS A 253 -8.45 -24.90 -16.34
CA LYS A 253 -9.12 -23.61 -16.48
C LYS A 253 -8.78 -22.93 -17.82
N CYS A 254 -8.85 -23.72 -18.89
CA CYS A 254 -8.72 -23.21 -20.24
C CYS A 254 -9.85 -23.75 -21.12
N ARG A 255 -10.49 -22.85 -21.85
CA ARG A 255 -11.63 -23.19 -22.69
C ARG A 255 -11.63 -22.37 -23.97
N ILE A 256 -11.87 -23.03 -25.10
CA ILE A 256 -12.05 -22.33 -26.37
C ILE A 256 -13.53 -22.27 -26.72
N ILE A 257 -14.05 -21.06 -26.89
CA ILE A 257 -15.41 -20.86 -27.38
C ILE A 257 -15.39 -19.90 -28.57
N GLU A 258 -15.84 -20.40 -29.72
CA GLU A 258 -15.94 -19.63 -30.97
C GLU A 258 -14.67 -18.89 -31.33
N ASN A 259 -13.56 -19.62 -31.45
CA ASN A 259 -12.26 -19.06 -31.88
C ASN A 259 -11.61 -18.08 -30.87
N SER A 260 -12.06 -18.13 -29.62
CA SER A 260 -11.49 -17.33 -28.54
C SER A 260 -11.04 -18.21 -27.36
N LEU A 261 -9.81 -17.99 -26.90
CA LEU A 261 -9.23 -18.77 -25.80
C LEU A 261 -9.32 -18.02 -24.47
N TYR A 262 -9.96 -18.66 -23.49
CA TYR A 262 -10.18 -18.09 -22.16
C TYR A 262 -9.38 -18.84 -21.10
N ILE A 263 -8.66 -18.09 -20.26
CA ILE A 263 -7.72 -18.68 -19.30
C ILE A 263 -7.99 -18.22 -17.87
N GLY A 264 -7.97 -19.16 -16.93
CA GLY A 264 -8.17 -18.87 -15.51
C GLY A 264 -6.96 -19.16 -14.63
N HIS A 265 -5.86 -19.61 -15.24
CA HIS A 265 -4.60 -19.83 -14.54
C HIS A 265 -3.76 -18.58 -14.66
N SER A 266 -3.21 -18.12 -13.54
CA SER A 266 -2.40 -16.91 -13.53
C SER A 266 -1.06 -17.14 -14.22
N TYR A 267 -0.53 -16.09 -14.84
CA TYR A 267 0.76 -16.13 -15.50
C TYR A 267 1.85 -16.77 -14.63
N GLU A 268 1.87 -16.41 -13.36
CA GLU A 268 2.86 -16.91 -12.41
C GLU A 268 2.61 -18.36 -12.02
N GLU A 269 1.34 -18.74 -11.88
CA GLU A 269 0.97 -20.13 -11.61
C GLU A 269 1.49 -21.04 -12.72
N MET A 270 1.28 -20.61 -13.97
CA MET A 270 1.71 -21.37 -15.14
C MET A 270 3.24 -21.44 -15.24
N PHE A 271 3.91 -20.31 -15.02
CA PHE A 271 5.37 -20.25 -15.11
C PHE A 271 6.08 -21.20 -14.16
N TYR A 272 5.57 -21.32 -12.93
CA TYR A 272 6.22 -22.16 -11.91
C TYR A 272 5.76 -23.61 -11.89
N SER A 273 4.75 -23.95 -12.70
CA SER A 273 4.26 -25.32 -12.78
C SER A 273 4.42 -25.93 -14.17
N ILE A 274 4.90 -25.13 -15.13
CA ILE A 274 5.08 -25.58 -16.51
C ILE A 274 6.48 -25.22 -17.03
N SER A 275 7.33 -26.25 -17.15
CA SER A 275 8.71 -26.10 -17.65
C SER A 275 9.24 -27.47 -18.11
N PRO A 276 10.43 -27.52 -18.74
CA PRO A 276 10.99 -28.83 -19.10
C PRO A 276 11.25 -29.77 -17.91
N TYR A 277 11.41 -29.21 -16.71
CA TYR A 277 11.60 -30.00 -15.48
C TYR A 277 10.36 -30.82 -15.11
N SER A 278 9.18 -30.28 -15.42
CA SER A 278 7.91 -30.91 -15.10
C SER A 278 7.20 -31.41 -16.35
N ASN A 279 7.66 -30.95 -17.50
CA ASN A 279 7.01 -31.23 -18.77
C ASN A 279 7.97 -31.68 -19.87
N GLN A 280 8.81 -32.66 -19.54
CA GLN A 280 9.68 -33.29 -20.54
C GLN A 280 8.91 -34.36 -21.32
N VAL A 281 9.50 -34.82 -22.43
CA VAL A 281 8.88 -35.82 -23.30
C VAL A 281 8.80 -37.20 -22.63
N GLY A 282 7.57 -37.68 -22.43
CA GLY A 282 7.32 -38.96 -21.75
C GLY A 282 7.40 -38.87 -20.23
N GLY A 283 7.26 -37.66 -19.69
CA GLY A 283 7.28 -37.43 -18.25
C GLY A 283 5.92 -37.56 -17.60
N PRO A 284 5.82 -37.23 -16.29
CA PRO A 284 4.57 -37.32 -15.51
C PRO A 284 3.43 -36.44 -16.02
N TYR A 285 3.76 -35.34 -16.71
CA TYR A 285 2.74 -34.41 -17.22
C TYR A 285 2.89 -34.13 -18.73
N GLU A 286 3.73 -34.94 -19.38
CA GLU A 286 3.95 -34.87 -20.84
C GLU A 286 4.44 -33.52 -21.34
N LEU A 287 4.27 -33.25 -22.63
CA LEU A 287 4.79 -32.03 -23.25
C LEU A 287 3.71 -30.97 -23.43
N TYR A 288 2.45 -31.40 -23.42
CA TYR A 288 1.32 -30.58 -23.88
C TYR A 288 1.12 -29.24 -23.16
N PRO A 289 1.28 -29.21 -21.81
CA PRO A 289 1.21 -27.91 -21.14
C PRO A 289 2.36 -26.96 -21.54
N PHE A 290 3.57 -27.50 -21.69
CA PHE A 290 4.74 -26.70 -22.03
C PHE A 290 4.64 -26.08 -23.42
N THR A 291 4.01 -26.81 -24.35
CA THR A 291 3.82 -26.35 -25.71
C THR A 291 2.75 -25.24 -25.71
N PHE A 292 1.67 -25.46 -24.97
CA PHE A 292 0.62 -24.47 -24.79
C PHE A 292 1.19 -23.15 -24.27
N PHE A 293 1.98 -23.22 -23.20
CA PHE A 293 2.58 -22.04 -22.58
C PHE A 293 3.69 -21.43 -23.44
N SER A 294 4.48 -22.27 -24.10
CA SER A 294 5.56 -21.79 -24.98
C SER A 294 5.07 -20.93 -26.13
N MET A 295 3.94 -21.30 -26.75
CA MET A 295 3.42 -20.52 -27.87
C MET A 295 2.60 -19.31 -27.44
N LEU A 296 2.04 -19.37 -26.23
CA LEU A 296 1.44 -18.19 -25.59
C LEU A 296 2.49 -17.09 -25.47
N GLN A 297 3.68 -17.47 -25.03
CA GLN A 297 4.78 -16.54 -24.85
C GLN A 297 5.31 -16.02 -26.18
N GLU A 298 5.13 -16.79 -27.25
CA GLU A 298 5.54 -16.37 -28.58
C GLU A 298 4.58 -15.35 -29.18
N VAL A 299 3.28 -15.61 -29.04
CA VAL A 299 2.23 -14.66 -29.39
C VAL A 299 2.44 -13.34 -28.63
N GLN A 300 2.78 -13.47 -27.35
CA GLN A 300 3.07 -12.33 -26.45
C GLN A 300 4.07 -11.34 -27.06
N GLY A 301 5.07 -11.85 -27.76
CA GLY A 301 6.10 -11.00 -28.36
C GLY A 301 6.90 -10.30 -27.28
N ASP A 302 7.30 -9.04 -27.53
CA ASP A 302 7.99 -8.28 -26.49
C ASP A 302 7.07 -7.30 -25.75
N LEU A 303 5.78 -7.62 -25.76
CA LEU A 303 4.81 -6.98 -24.86
C LEU A 303 4.83 -7.72 -23.52
N GLY A 304 4.30 -7.08 -22.48
CA GLY A 304 4.11 -7.76 -21.20
C GLY A 304 2.97 -8.76 -21.33
N PHE A 305 3.01 -9.81 -20.54
CA PHE A 305 1.99 -10.87 -20.59
C PHE A 305 0.59 -10.29 -20.37
N GLU A 306 0.44 -9.58 -19.26
CA GLU A 306 -0.84 -8.96 -18.89
C GLU A 306 -1.23 -7.87 -19.87
N GLN A 307 -0.25 -7.08 -20.30
CA GLN A 307 -0.48 -6.07 -21.33
C GLN A 307 -1.14 -6.68 -22.57
N ALA A 308 -0.63 -7.86 -22.97
CA ALA A 308 -1.10 -8.54 -24.17
C ALA A 308 -2.42 -9.31 -24.02
N PHE A 309 -2.60 -10.04 -22.92
CA PHE A 309 -3.70 -11.02 -22.84
C PHE A 309 -4.77 -10.77 -21.78
N ALA A 310 -4.47 -9.93 -20.81
CA ALA A 310 -5.36 -9.73 -19.68
C ALA A 310 -6.72 -9.13 -20.07
N THR A 311 -7.75 -9.57 -19.36
CA THR A 311 -9.04 -8.91 -19.38
C THR A 311 -8.86 -7.53 -18.72
N ARG A 312 -9.51 -6.50 -19.26
CA ARG A 312 -9.43 -5.16 -18.68
C ARG A 312 -9.92 -5.14 -17.23
N ASN A 313 -10.99 -5.87 -16.96
CA ASN A 313 -11.47 -6.04 -15.58
C ASN A 313 -10.36 -6.58 -14.68
N PHE A 314 -9.70 -7.65 -15.12
CA PHE A 314 -8.61 -8.26 -14.36
C PHE A 314 -7.37 -7.36 -14.31
N PHE A 315 -7.13 -6.63 -15.41
CA PHE A 315 -6.03 -5.67 -15.48
C PHE A 315 -6.20 -4.58 -14.42
N ASN A 316 -7.40 -3.98 -14.37
CA ASN A 316 -7.70 -2.91 -13.43
C ASN A 316 -7.64 -3.34 -11.97
N THR A 317 -8.04 -4.59 -11.72
CA THR A 317 -8.01 -5.19 -10.40
C THR A 317 -6.56 -5.41 -9.94
N LEU A 318 -5.73 -5.88 -10.87
CA LEU A 318 -4.32 -6.10 -10.57
C LEU A 318 -3.62 -4.77 -10.22
N VAL A 319 -3.85 -3.74 -11.04
CA VAL A 319 -3.25 -2.43 -10.84
C VAL A 319 -3.56 -1.86 -9.46
N SER A 320 -4.83 -1.92 -9.06
CA SER A 320 -5.25 -1.33 -7.80
C SER A 320 -4.88 -2.17 -6.57
N ASP A 321 -4.80 -3.48 -6.73
CA ASP A 321 -4.38 -4.35 -5.64
C ASP A 321 -2.87 -4.29 -5.41
N ARG A 322 -2.09 -4.23 -6.49
CA ARG A 322 -0.63 -4.06 -6.38
C ARG A 322 -0.28 -2.80 -5.58
N LEU A 323 -0.97 -1.70 -5.89
CA LEU A 323 -0.77 -0.44 -5.20
C LEU A 323 -1.20 -0.47 -3.72
N SER A 324 -2.35 -1.10 -3.44
CA SER A 324 -2.79 -1.32 -2.06
C SER A 324 -1.72 -2.08 -1.28
N LEU A 325 -1.23 -3.15 -1.87
CA LEU A 325 -0.30 -4.05 -1.19
C LEU A 325 1.08 -3.42 -0.99
N MET A 326 1.58 -2.70 -1.99
CA MET A 326 2.85 -1.98 -1.86
C MET A 326 2.77 -0.93 -0.75
N GLU A 327 1.63 -0.26 -0.65
CA GLU A 327 1.40 0.72 0.42
C GLU A 327 1.50 0.08 1.80
N ASN A 328 0.93 -1.12 1.97
CA ASN A 328 1.01 -1.84 3.24
C ASN A 328 2.42 -2.28 3.57
N THR A 329 3.14 -2.73 2.56
CA THR A 329 4.55 -3.09 2.69
C THR A 329 5.39 -1.90 3.16
N MET A 330 5.22 -0.76 2.50
CA MET A 330 5.97 0.46 2.84
C MET A 330 5.64 0.89 4.29
N LEU A 331 4.36 0.83 4.63
CA LEU A 331 3.89 1.12 5.97
C LEU A 331 4.54 0.20 7.01
N LEU A 332 4.69 -1.07 6.64
CA LEU A 332 5.31 -2.08 7.48
C LEU A 332 6.79 -1.77 7.79
N THR A 333 7.47 -1.11 6.87
CA THR A 333 8.90 -0.77 7.07
C THR A 333 9.07 0.49 7.93
N GLU A 334 8.05 1.33 7.96
CA GLU A 334 8.09 2.60 8.70
C GLU A 334 8.37 2.44 10.19
N SER A 335 9.39 3.16 10.65
CA SER A 335 9.78 3.19 12.06
C SER A 335 10.11 1.81 12.67
N PHE A 336 10.48 0.84 11.83
CA PHE A 336 10.87 -0.47 12.35
C PHE A 336 12.10 -0.33 13.24
N ASP A 337 12.01 -0.88 14.44
CA ASP A 337 13.07 -0.80 15.41
C ASP A 337 13.95 -2.06 15.37
N TYR A 338 15.18 -1.88 14.91
CA TYR A 338 16.17 -2.97 14.84
C TYR A 338 16.84 -3.27 16.19
N THR A 339 16.61 -2.43 17.20
CA THR A 339 17.26 -2.58 18.51
C THR A 339 17.04 -3.95 19.17
N PRO A 340 15.77 -4.39 19.31
CA PRO A 340 15.53 -5.72 19.91
C PRO A 340 16.27 -6.86 19.21
N TRP A 341 16.29 -6.87 17.89
CA TRP A 341 16.95 -7.93 17.13
C TRP A 341 18.47 -7.83 17.22
N ASP A 342 19.02 -6.64 16.98
CA ASP A 342 20.45 -6.42 17.11
C ASP A 342 20.97 -6.74 18.50
N ALA A 343 20.16 -6.46 19.52
CA ALA A 343 20.50 -6.81 20.91
C ALA A 343 20.74 -8.32 21.12
N ILE A 344 20.08 -9.17 20.33
CA ILE A 344 20.25 -10.63 20.46
C ILE A 344 21.23 -11.20 19.42
N TYR A 345 21.03 -10.83 18.16
CA TYR A 345 21.76 -11.46 17.06
C TYR A 345 22.74 -10.54 16.34
N GLY A 346 22.82 -9.29 16.77
CA GLY A 346 23.54 -8.25 16.03
C GLY A 346 24.96 -7.95 16.45
N ASP A 347 25.43 -8.59 17.50
CA ASP A 347 26.81 -8.44 17.96
C ASP A 347 27.78 -8.97 16.91
N ILE A 348 28.97 -8.38 16.84
CA ILE A 348 29.95 -8.75 15.82
C ILE A 348 30.34 -10.22 15.92
N ASN A 349 30.25 -10.76 17.13
CA ASN A 349 30.69 -12.12 17.40
C ASN A 349 29.56 -13.15 17.61
N TYR A 350 28.32 -12.81 17.23
CA TYR A 350 27.23 -13.77 17.37
C TYR A 350 27.45 -15.01 16.54
N ASP A 351 28.00 -14.85 15.34
CA ASP A 351 28.37 -15.97 14.48
C ASP A 351 29.26 -16.99 15.22
N GLU A 352 30.22 -16.48 15.99
CA GLU A 352 31.13 -17.31 16.78
C GLU A 352 30.46 -17.96 18.00
N GLN A 353 29.53 -17.24 18.62
CA GLN A 353 28.76 -17.78 19.74
C GLN A 353 27.78 -18.87 19.29
N PHE A 354 27.25 -18.70 18.07
CA PHE A 354 26.40 -19.70 17.44
C PHE A 354 27.24 -20.93 17.08
N ALA A 355 28.42 -20.70 16.50
CA ALA A 355 29.33 -21.79 16.08
C ALA A 355 29.94 -22.54 17.26
N ALA A 356 30.17 -21.83 18.37
CA ALA A 356 30.79 -22.43 19.57
C ALA A 356 29.90 -23.51 20.22
N MET A 357 28.59 -23.35 20.09
CA MET A 357 27.65 -24.33 20.61
C MET A 357 27.70 -25.63 19.81
N SER A 358 27.31 -26.73 20.44
CA SER A 358 27.12 -27.99 19.71
C SER A 358 25.91 -27.86 18.79
N ILE A 359 25.82 -28.73 17.79
CA ILE A 359 24.67 -28.77 16.88
C ILE A 359 23.36 -28.97 17.66
N ASN A 360 23.37 -29.89 18.63
CA ASN A 360 22.19 -30.14 19.45
C ASN A 360 21.85 -28.98 20.39
N GLU A 361 22.88 -28.27 20.85
CA GLU A 361 22.67 -27.09 21.72
C GLU A 361 22.02 -25.96 20.94
N ARG A 362 22.42 -25.80 19.68
CA ARG A 362 21.81 -24.83 18.78
C ARG A 362 20.35 -25.13 18.51
N ILE A 363 20.04 -26.40 18.23
CA ILE A 363 18.67 -26.83 18.00
C ILE A 363 17.78 -26.53 19.21
N GLU A 364 18.28 -26.88 20.40
CA GLU A 364 17.59 -26.61 21.66
C GLU A 364 17.36 -25.12 21.89
N LYS A 365 18.40 -24.33 21.64
CA LYS A 365 18.34 -22.87 21.74
C LYS A 365 17.32 -22.27 20.77
N CYS A 366 17.42 -22.64 19.49
CA CYS A 366 16.48 -22.19 18.45
C CYS A 366 15.03 -22.55 18.78
N MET A 367 14.80 -23.78 19.23
CA MET A 367 13.44 -24.23 19.52
C MET A 367 12.90 -23.67 20.84
N ASN A 368 13.66 -23.78 21.91
CA ASN A 368 13.15 -23.43 23.24
C ASN A 368 13.34 -21.97 23.65
N THR A 369 14.40 -21.33 23.16
CA THR A 369 14.65 -19.90 23.48
C THR A 369 14.10 -18.97 22.39
N TYR A 370 14.58 -19.13 21.16
CA TYR A 370 14.17 -18.25 20.06
C TYR A 370 12.78 -18.59 19.53
N ARG A 371 12.38 -19.85 19.67
CA ARG A 371 11.07 -20.35 19.22
C ARG A 371 10.99 -20.53 17.71
N GLY A 372 12.13 -20.38 17.04
CA GLY A 372 12.18 -20.44 15.60
C GLY A 372 13.58 -20.22 15.03
N VAL A 373 13.77 -20.72 13.81
CA VAL A 373 15.01 -20.52 13.07
C VAL A 373 14.66 -20.55 11.59
N ALA A 374 15.45 -19.85 10.79
CA ALA A 374 15.28 -19.86 9.35
C ALA A 374 16.56 -20.29 8.63
N PHE A 375 16.39 -21.09 7.58
CA PHE A 375 17.49 -21.56 6.75
C PHE A 375 17.37 -20.94 5.37
N GLN A 376 18.51 -20.68 4.74
CA GLN A 376 18.55 -20.38 3.32
C GLN A 376 17.93 -21.56 2.56
N ASN A 377 17.24 -21.28 1.45
CA ASN A 377 16.47 -22.29 0.73
C ASN A 377 17.26 -23.29 -0.13
N SER A 378 18.53 -23.52 0.21
CA SER A 378 19.37 -24.50 -0.49
C SER A 378 19.03 -25.93 -0.06
N SER A 379 19.31 -26.88 -0.95
CA SER A 379 19.11 -28.31 -0.66
C SER A 379 19.99 -28.80 0.49
N LYS A 380 21.20 -28.26 0.58
CA LYS A 380 22.12 -28.49 1.68
C LYS A 380 21.51 -28.19 3.05
N SER A 381 20.85 -27.04 3.16
CA SER A 381 20.18 -26.64 4.40
C SER A 381 19.00 -27.57 4.71
N ILE A 382 18.24 -27.91 3.67
CA ILE A 382 17.11 -28.83 3.82
C ILE A 382 17.59 -30.21 4.28
N ASP A 383 18.65 -30.72 3.66
CA ASP A 383 19.24 -32.00 4.02
C ASP A 383 19.71 -32.04 5.48
N PHE A 384 20.45 -31.00 5.88
CA PHE A 384 20.88 -30.86 7.27
C PHE A 384 19.71 -30.92 8.25
N PHE A 385 18.67 -30.14 7.96
CA PHE A 385 17.48 -30.09 8.78
C PHE A 385 16.84 -31.47 8.91
N LEU A 386 16.74 -32.18 7.79
CA LEU A 386 16.14 -33.52 7.75
C LEU A 386 16.97 -34.56 8.51
N ASN A 387 18.29 -34.43 8.41
CA ASN A 387 19.22 -35.27 9.15
C ASN A 387 19.14 -35.11 10.67
N ASN A 388 18.62 -33.96 11.11
CA ASN A 388 18.52 -33.65 12.54
C ASN A 388 17.06 -33.48 12.97
N LEU A 389 16.13 -33.95 12.13
CA LEU A 389 14.70 -33.70 12.33
C LEU A 389 14.17 -34.16 13.68
N THR A 390 14.56 -35.37 14.09
CA THR A 390 14.12 -35.94 15.37
C THR A 390 14.43 -35.01 16.55
N THR A 391 15.62 -34.42 16.53
CA THR A 391 16.06 -33.46 17.56
C THR A 391 15.15 -32.23 17.60
N PHE A 392 14.79 -31.71 16.42
CA PHE A 392 13.87 -30.58 16.32
C PHE A 392 12.49 -30.92 16.86
N ILE A 393 11.97 -32.09 16.51
CA ILE A 393 10.64 -32.53 16.93
C ILE A 393 10.56 -32.74 18.44
N ASP A 394 11.61 -33.35 19.00
CA ASP A 394 11.70 -33.60 20.45
C ASP A 394 11.69 -32.32 21.28
N ASN A 395 12.19 -31.23 20.70
CA ASN A 395 12.16 -29.91 21.35
C ASN A 395 10.95 -29.07 20.97
N GLY A 396 9.89 -29.71 20.48
CA GLY A 396 8.59 -29.05 20.28
C GLY A 396 8.27 -28.41 18.93
N LEU A 397 9.05 -28.73 17.89
CA LEU A 397 8.76 -28.22 16.54
C LEU A 397 7.31 -28.49 16.14
N THR A 398 6.58 -27.43 15.79
CA THR A 398 5.17 -27.55 15.41
C THR A 398 4.90 -27.28 13.93
N GLU A 399 5.78 -26.52 13.28
CA GLU A 399 5.53 -26.08 11.91
C GLU A 399 6.79 -25.87 11.06
N ILE A 400 6.67 -26.21 9.78
CA ILE A 400 7.67 -25.92 8.76
C ILE A 400 7.04 -25.00 7.71
N ALA A 401 7.76 -23.93 7.35
CA ALA A 401 7.26 -22.94 6.40
C ALA A 401 8.28 -22.69 5.31
N ILE A 402 7.80 -22.55 4.07
CA ILE A 402 8.67 -22.21 2.95
C ILE A 402 8.08 -21.14 2.05
N SER A 403 8.94 -20.25 1.57
CA SER A 403 8.56 -19.16 0.68
C SER A 403 8.54 -19.58 -0.80
N ASP A 404 9.16 -20.71 -1.11
CA ASP A 404 9.29 -21.18 -2.50
C ASP A 404 8.01 -21.81 -3.07
N LEU A 405 6.95 -21.83 -2.26
CA LEU A 405 5.63 -22.19 -2.77
C LEU A 405 4.62 -21.08 -2.45
N PRO A 406 3.71 -20.78 -3.40
CA PRO A 406 2.71 -19.74 -3.22
C PRO A 406 1.39 -20.25 -2.60
N TYR A 407 1.09 -19.79 -1.38
CA TYR A 407 -0.11 -20.25 -0.64
C TYR A 407 -1.40 -19.97 -1.39
N ASP A 408 -1.42 -18.87 -2.13
CA ASP A 408 -2.60 -18.44 -2.88
C ASP A 408 -2.93 -19.39 -4.04
N ILE A 409 -2.00 -20.27 -4.39
CA ILE A 409 -2.23 -21.26 -5.43
C ILE A 409 -2.37 -22.68 -4.86
N VAL A 410 -1.46 -23.06 -3.96
CA VAL A 410 -1.28 -24.47 -3.58
C VAL A 410 -1.56 -24.84 -2.12
N GLN A 411 -2.13 -23.93 -1.33
CA GLN A 411 -2.33 -24.19 0.10
C GLN A 411 -3.36 -25.29 0.37
N GLN A 412 -4.42 -25.34 -0.42
CA GLN A 412 -5.40 -26.40 -0.31
C GLN A 412 -4.79 -27.72 -0.78
N GLU A 413 -4.02 -27.66 -1.86
CA GLU A 413 -3.33 -28.82 -2.41
C GLU A 413 -2.27 -29.38 -1.46
N ILE A 414 -1.61 -28.50 -0.71
CA ILE A 414 -0.69 -28.92 0.35
C ILE A 414 -1.46 -29.71 1.41
N SER A 415 -2.63 -29.20 1.79
CA SER A 415 -3.49 -29.86 2.75
C SER A 415 -3.99 -31.22 2.23
N GLN A 416 -4.21 -31.31 0.92
CA GLN A 416 -4.57 -32.57 0.27
C GLN A 416 -3.44 -33.60 0.43
N PHE A 417 -2.21 -33.17 0.16
CA PHE A 417 -1.03 -34.01 0.31
C PHE A 417 -0.94 -34.56 1.73
N LEU A 418 -1.05 -33.67 2.71
CA LEU A 418 -0.94 -34.04 4.13
C LEU A 418 -2.05 -34.99 4.58
N GLN A 419 -3.26 -34.81 4.03
CA GLN A 419 -4.39 -35.70 4.33
C GLN A 419 -4.37 -37.01 3.54
N GLY A 420 -3.32 -37.21 2.75
CA GLY A 420 -3.16 -38.45 1.98
C GLY A 420 -3.94 -38.49 0.68
N SER A 421 -4.82 -37.51 0.47
CA SER A 421 -5.58 -37.35 -0.78
C SER A 421 -4.67 -37.14 -1.99
N ASN A 422 -5.28 -37.10 -3.19
CA ASN A 422 -4.51 -37.12 -4.43
C ASN A 422 -4.66 -35.86 -5.31
N GLU A 423 -5.55 -34.95 -4.92
CA GLU A 423 -5.78 -33.72 -5.68
C GLU A 423 -4.71 -32.65 -5.36
N TRP A 424 -3.49 -32.87 -5.87
CA TRP A 424 -2.37 -31.94 -5.69
C TRP A 424 -1.41 -31.94 -6.90
N LYS A 425 -1.98 -31.86 -8.10
CA LYS A 425 -1.20 -31.92 -9.35
C LYS A 425 -0.30 -30.70 -9.55
N THR A 426 -0.85 -29.52 -9.27
CA THR A 426 -0.12 -28.26 -9.39
C THR A 426 1.02 -28.20 -8.37
N LEU A 427 0.72 -28.60 -7.14
CA LEU A 427 1.73 -28.73 -6.10
C LEU A 427 2.87 -29.63 -6.59
N ASP A 428 2.51 -30.81 -7.09
CA ASP A 428 3.47 -31.80 -7.59
C ASP A 428 4.36 -31.27 -8.71
N ALA A 429 3.75 -30.55 -9.65
CA ALA A 429 4.47 -29.97 -10.79
C ALA A 429 5.42 -28.86 -10.36
N MET A 430 5.01 -28.08 -9.35
CA MET A 430 5.84 -27.01 -8.79
C MET A 430 7.04 -27.56 -8.03
N LEU A 431 6.87 -28.71 -7.39
CA LEU A 431 7.97 -29.39 -6.71
C LEU A 431 9.04 -29.94 -7.68
N PHE A 432 8.62 -30.41 -8.85
CA PHE A 432 9.55 -30.84 -9.90
C PHE A 432 10.40 -29.67 -10.36
N ASN A 433 9.78 -28.50 -10.47
CA ASN A 433 10.46 -27.27 -10.86
C ASN A 433 11.48 -26.81 -9.83
N LEU A 434 11.08 -26.84 -8.56
CA LEU A 434 11.96 -26.48 -7.45
C LEU A 434 13.13 -27.44 -7.31
N ASP A 435 12.86 -28.72 -7.56
CA ASP A 435 13.87 -29.79 -7.41
C ASP A 435 14.67 -30.04 -8.69
N LYS A 436 14.52 -29.15 -9.67
CA LYS A 436 15.18 -29.27 -10.98
C LYS A 436 14.88 -30.59 -11.70
N GLY A 437 13.69 -31.14 -11.47
CA GLY A 437 13.24 -32.38 -12.11
C GLY A 437 13.69 -33.65 -11.42
N ASP A 438 14.22 -33.52 -10.21
CA ASP A 438 14.64 -34.66 -9.41
C ASP A 438 13.45 -35.35 -8.76
N ILE A 439 13.53 -36.66 -8.67
CA ILE A 439 12.46 -37.49 -8.10
C ILE A 439 12.54 -37.45 -6.59
N ASN A 440 13.77 -37.46 -6.07
CA ASN A 440 14.03 -37.26 -4.65
C ASN A 440 13.80 -35.80 -4.32
N GLY A 441 14.80 -34.95 -4.57
CA GLY A 441 14.67 -33.51 -4.39
C GLY A 441 14.40 -33.07 -2.96
N ALA A 442 15.15 -32.06 -2.52
CA ALA A 442 15.07 -31.55 -1.15
C ALA A 442 13.67 -31.07 -0.75
N PHE A 443 13.02 -30.29 -1.61
CA PHE A 443 11.71 -29.70 -1.32
C PHE A 443 10.61 -30.75 -1.19
N ARG A 444 10.67 -31.77 -2.03
CA ARG A 444 9.74 -32.89 -1.98
C ARG A 444 9.94 -33.72 -0.71
N LYS A 445 11.20 -34.00 -0.38
CA LYS A 445 11.56 -34.70 0.85
C LYS A 445 11.06 -33.94 2.08
N LEU A 446 11.20 -32.62 2.05
CA LEU A 446 10.75 -31.74 3.13
C LEU A 446 9.25 -31.89 3.38
N LEU A 447 8.47 -31.84 2.30
CA LEU A 447 7.02 -31.98 2.37
C LEU A 447 6.65 -33.38 2.89
N GLN A 448 7.39 -34.38 2.40
CA GLN A 448 7.18 -35.77 2.78
C GLN A 448 7.37 -35.99 4.28
N SER A 449 8.46 -35.44 4.83
CA SER A 449 8.77 -35.57 6.26
C SER A 449 7.70 -34.95 7.16
N ALA A 450 7.16 -33.81 6.73
CA ALA A 450 6.08 -33.13 7.44
C ALA A 450 4.84 -34.01 7.55
N LYS A 451 4.54 -34.73 6.47
CA LYS A 451 3.40 -35.64 6.43
C LYS A 451 3.60 -36.82 7.37
N ASP A 452 4.76 -37.47 7.24
CA ASP A 452 5.11 -38.67 8.00
C ASP A 452 5.27 -38.41 9.49
N ASN A 453 5.72 -37.20 9.82
CA ASN A 453 6.02 -36.85 11.22
C ASN A 453 4.94 -35.97 11.85
N ASN A 454 3.85 -35.75 11.12
CA ASN A 454 2.71 -34.96 11.60
C ASN A 454 3.05 -33.51 11.96
N ILE A 455 3.97 -32.92 11.20
CA ILE A 455 4.33 -31.51 11.36
C ILE A 455 3.55 -30.68 10.34
N LYS A 456 3.04 -29.54 10.79
CA LYS A 456 2.33 -28.61 9.90
C LYS A 456 3.27 -28.05 8.84
N PHE A 457 2.76 -27.94 7.62
CA PHE A 457 3.54 -27.40 6.50
C PHE A 457 2.79 -26.22 5.92
N ARG A 458 3.50 -25.10 5.77
CA ARG A 458 2.90 -23.87 5.28
C ARG A 458 3.70 -23.26 4.14
N ALA A 459 3.00 -22.86 3.08
CA ALA A 459 3.58 -22.03 2.05
C ALA A 459 3.38 -20.57 2.45
N ILE A 460 4.44 -19.77 2.37
CA ILE A 460 4.31 -18.34 2.72
C ILE A 460 4.60 -17.39 1.55
N GLY A 461 5.00 -17.95 0.42
CA GLY A 461 5.14 -17.19 -0.81
C GLY A 461 3.80 -16.73 -1.35
N HIS A 462 3.80 -15.63 -2.09
CA HIS A 462 2.60 -15.18 -2.79
C HIS A 462 2.91 -15.12 -4.28
N SER A 463 2.01 -15.65 -5.10
CA SER A 463 2.28 -15.84 -6.53
C SER A 463 2.44 -14.53 -7.33
N ASP A 464 1.71 -13.49 -6.94
CA ASP A 464 1.68 -12.27 -7.72
C ASP A 464 3.03 -11.54 -7.79
N ASN A 465 3.43 -11.19 -9.01
CA ASN A 465 4.68 -10.46 -9.29
C ASN A 465 5.94 -11.27 -8.94
N SER A 466 5.81 -12.60 -8.93
CA SER A 466 6.87 -13.51 -8.48
C SER A 466 7.76 -14.06 -9.60
N VAL A 467 7.41 -13.78 -10.86
CA VAL A 467 8.20 -14.23 -12.01
C VAL A 467 9.32 -13.24 -12.33
N PRO A 468 10.56 -13.75 -12.49
CA PRO A 468 11.74 -12.93 -12.84
C PRO A 468 11.61 -12.23 -14.21
N PRO A 469 12.51 -11.28 -14.51
CA PRO A 469 13.68 -10.88 -13.72
C PRO A 469 13.35 -9.93 -12.56
N PHE A 470 14.09 -10.08 -11.46
CA PHE A 470 14.00 -9.19 -10.32
C PHE A 470 15.09 -8.12 -10.42
N ASN A 471 15.12 -7.47 -11.59
CA ASN A 471 16.08 -6.42 -11.93
C ASN A 471 15.70 -5.04 -11.40
N ASN A 472 14.68 -4.98 -10.54
CA ASN A 472 14.19 -3.72 -10.00
C ASN A 472 13.88 -3.83 -8.50
N PRO A 473 14.46 -2.93 -7.67
CA PRO A 473 14.29 -2.98 -6.22
C PRO A 473 12.84 -2.86 -5.71
N TYR A 474 11.98 -2.20 -6.50
CA TYR A 474 10.57 -2.02 -6.13
C TYR A 474 9.74 -3.29 -6.34
N LYS A 475 10.03 -4.03 -7.41
CA LYS A 475 9.42 -5.34 -7.64
C LYS A 475 9.86 -6.33 -6.56
N SER A 476 11.15 -6.32 -6.25
CA SER A 476 11.73 -7.14 -5.18
C SER A 476 11.07 -6.84 -3.83
N LEU A 477 10.94 -5.55 -3.52
CA LEU A 477 10.36 -5.10 -2.27
C LEU A 477 8.88 -5.48 -2.15
N TYR A 478 8.16 -5.39 -3.27
CA TYR A 478 6.74 -5.73 -3.34
C TYR A 478 6.55 -7.21 -3.01
N TYR A 479 7.36 -8.05 -3.65
CA TYR A 479 7.31 -9.50 -3.50
C TYR A 479 7.70 -9.93 -2.08
N LYS A 480 8.79 -9.35 -1.57
CA LYS A 480 9.24 -9.61 -0.21
C LYS A 480 8.18 -9.21 0.83
N GLY A 481 7.57 -8.03 0.64
CA GLY A 481 6.58 -7.50 1.55
C GLY A 481 5.35 -8.37 1.74
N ASN A 482 4.92 -9.03 0.66
CA ASN A 482 3.78 -9.94 0.73
C ASN A 482 4.09 -11.22 1.51
N ILE A 483 5.32 -11.71 1.36
CA ILE A 483 5.80 -12.88 2.08
C ILE A 483 5.95 -12.57 3.57
N ILE A 484 6.53 -11.41 3.89
CA ILE A 484 6.66 -10.98 5.28
C ILE A 484 5.29 -10.80 5.96
N ALA A 485 4.36 -10.15 5.27
CA ALA A 485 3.01 -9.95 5.80
C ALA A 485 2.35 -11.29 6.16
N GLU A 486 2.45 -12.27 5.26
CA GLU A 486 1.95 -13.62 5.54
C GLU A 486 2.65 -14.27 6.74
N ALA A 487 3.98 -14.13 6.81
CA ALA A 487 4.75 -14.70 7.92
C ALA A 487 4.41 -14.08 9.28
N ILE A 488 4.25 -12.76 9.32
CA ILE A 488 3.84 -12.07 10.54
C ILE A 488 2.50 -12.61 11.00
N GLU A 489 1.58 -12.76 10.05
CA GLU A 489 0.23 -13.22 10.32
C GLU A 489 0.18 -14.66 10.86
N LYS A 490 0.96 -15.54 10.25
CA LYS A 490 0.83 -16.98 10.48
C LYS A 490 1.88 -17.60 11.41
N LEU A 491 3.02 -16.94 11.58
CA LEU A 491 4.15 -17.60 12.25
C LEU A 491 4.44 -17.18 13.70
N ASP A 492 4.57 -15.88 13.97
CA ASP A 492 4.83 -15.49 15.36
C ASP A 492 3.56 -15.53 16.23
N ARG A 493 3.25 -16.74 16.67
CA ARG A 493 2.10 -17.00 17.53
C ARG A 493 2.57 -17.80 18.74
N GLU A 494 2.18 -17.34 19.93
CA GLU A 494 2.81 -17.76 21.20
C GLU A 494 3.07 -19.26 21.42
N GLY A 495 2.22 -20.12 20.86
CA GLY A 495 2.36 -21.56 21.06
C GLY A 495 3.06 -22.31 19.95
N GLN A 496 3.88 -21.59 19.17
CA GLN A 496 4.49 -22.15 17.97
C GLN A 496 6.00 -22.19 18.01
N LYS A 497 6.56 -23.31 17.56
CA LYS A 497 7.98 -23.42 17.29
C LYS A 497 8.15 -23.85 15.84
N PHE A 498 8.77 -22.98 15.04
CA PHE A 498 8.75 -23.14 13.59
C PHE A 498 10.13 -23.08 12.94
N VAL A 499 10.20 -23.61 11.73
CA VAL A 499 11.38 -23.48 10.89
C VAL A 499 10.94 -22.89 9.54
N VAL A 500 11.70 -21.92 9.04
CA VAL A 500 11.42 -21.30 7.74
C VAL A 500 12.55 -21.55 6.76
N PHE A 501 12.20 -21.89 5.52
CA PHE A 501 13.16 -21.98 4.44
C PHE A 501 12.84 -20.92 3.41
N ALA A 502 13.80 -20.04 3.16
CA ALA A 502 13.58 -18.91 2.25
C ALA A 502 14.86 -18.42 1.62
N ASP A 503 14.69 -17.67 0.53
CA ASP A 503 15.79 -17.06 -0.20
C ASP A 503 16.49 -16.01 0.65
N SER A 504 17.82 -15.88 0.50
CA SER A 504 18.64 -14.93 1.27
C SER A 504 18.12 -13.49 1.25
N SER A 505 17.63 -13.08 0.09
CA SER A 505 17.02 -11.76 -0.09
C SER A 505 15.76 -11.55 0.76
N LEU A 506 15.13 -12.65 1.20
CA LEU A 506 13.91 -12.57 1.99
C LEU A 506 14.18 -12.66 3.49
N LEU A 507 15.32 -13.25 3.83
CA LEU A 507 15.66 -13.56 5.21
C LEU A 507 16.16 -12.37 6.02
N ASN A 508 17.15 -11.65 5.47
CA ASN A 508 17.68 -10.45 6.11
C ASN A 508 17.21 -9.17 5.40
N SER A 509 17.74 -8.02 5.82
CA SER A 509 17.37 -6.72 5.26
C SER A 509 17.77 -6.53 3.80
N THR A 510 16.95 -5.74 3.10
CA THR A 510 17.18 -5.35 1.72
C THR A 510 16.87 -3.84 1.59
N PRO A 511 17.34 -3.20 0.50
CA PRO A 511 16.97 -1.81 0.24
C PRO A 511 15.47 -1.55 0.15
N GLY A 512 15.02 -0.51 0.85
CA GLY A 512 13.59 -0.15 0.89
C GLY A 512 13.31 1.31 0.56
N THR A 513 12.08 1.72 0.79
CA THR A 513 11.61 3.07 0.42
C THR A 513 11.95 4.11 1.48
N GLY A 514 13.07 4.82 1.27
CA GLY A 514 13.54 5.83 2.21
C GLY A 514 14.18 5.27 3.46
N ARG A 515 14.30 3.95 3.53
CA ARG A 515 14.76 3.24 4.72
C ARG A 515 15.00 1.76 4.39
N PRO A 516 15.57 0.99 5.33
CA PRO A 516 15.75 -0.42 4.99
C PRO A 516 14.43 -1.22 5.02
N MET A 517 14.35 -2.24 4.17
CA MET A 517 13.29 -3.26 4.29
C MET A 517 13.83 -4.46 5.08
N PRO A 518 13.38 -4.62 6.35
CA PRO A 518 13.87 -5.72 7.20
C PRO A 518 13.42 -7.09 6.67
N GLY A 519 14.19 -8.12 6.99
CA GLY A 519 13.87 -9.47 6.53
C GLY A 519 12.88 -10.20 7.41
N LEU A 520 12.44 -11.37 6.94
CA LEU A 520 11.56 -12.25 7.69
C LEU A 520 12.07 -12.42 9.11
N VAL A 521 13.39 -12.54 9.20
CA VAL A 521 14.09 -12.93 10.41
C VAL A 521 14.08 -11.82 11.48
N GLN A 522 14.26 -10.58 11.04
CA GLN A 522 14.11 -9.42 11.91
C GLN A 522 12.67 -9.28 12.41
N TYR A 523 11.71 -9.46 11.52
CA TYR A 523 10.31 -9.36 11.90
C TYR A 523 9.85 -10.46 12.86
N LEU A 524 10.37 -11.67 12.68
CA LEU A 524 10.00 -12.82 13.51
C LEU A 524 10.87 -13.02 14.76
N LYS A 525 11.89 -12.16 14.93
CA LYS A 525 12.79 -12.20 16.08
C LYS A 525 13.60 -13.50 16.15
N ILE A 526 14.16 -13.92 15.02
CA ILE A 526 14.88 -15.19 14.92
C ILE A 526 16.21 -15.02 14.17
N PRO A 527 17.11 -16.03 14.23
CA PRO A 527 18.31 -15.95 13.38
C PRO A 527 18.13 -16.55 11.97
N ALA A 528 18.82 -15.96 10.99
CA ALA A 528 18.94 -16.57 9.66
C ALA A 528 20.19 -17.42 9.62
N THR A 529 20.10 -18.59 8.97
CA THR A 529 21.22 -19.53 8.93
C THR A 529 21.44 -20.12 7.55
N VAL A 530 22.67 -20.57 7.30
CA VAL A 530 23.04 -21.30 6.09
C VAL A 530 23.78 -22.58 6.46
N VAL A 531 23.77 -23.55 5.56
CA VAL A 531 24.63 -24.70 5.71
C VAL A 531 25.73 -24.63 4.65
N ASP A 532 26.96 -24.60 5.13
CA ASP A 532 28.18 -24.59 4.32
C ASP A 532 28.18 -25.72 3.29
N SER A 533 29.09 -25.62 2.31
CA SER A 533 29.28 -26.67 1.32
C SER A 533 29.83 -27.96 1.93
N ASP A 534 30.49 -27.84 3.08
CA ASP A 534 30.93 -29.02 3.84
C ASP A 534 30.21 -29.20 5.18
N GLY A 535 28.94 -28.81 5.22
CA GLY A 535 28.03 -29.17 6.29
C GLY A 535 28.03 -28.35 7.57
N ALA A 536 28.76 -27.24 7.57
CA ALA A 536 28.79 -26.35 8.73
C ALA A 536 27.52 -25.49 8.82
N TRP A 537 26.74 -25.70 9.87
CA TRP A 537 25.53 -24.91 10.15
C TRP A 537 25.93 -23.59 10.80
N GLN A 538 25.84 -22.51 10.03
CA GLN A 538 26.29 -21.21 10.54
C GLN A 538 25.27 -20.08 10.46
N PHE A 539 25.47 -19.08 11.31
CA PHE A 539 24.65 -17.87 11.34
C PHE A 539 24.85 -17.03 10.08
N LEU A 540 23.77 -16.38 9.65
CA LEU A 540 23.77 -15.55 8.46
C LEU A 540 23.54 -14.11 8.89
N PRO A 541 24.61 -13.30 8.98
CA PRO A 541 24.50 -11.93 9.49
C PRO A 541 23.79 -10.96 8.55
N ASP A 542 23.06 -10.02 9.15
CA ASP A 542 22.42 -8.95 8.42
C ASP A 542 23.48 -7.88 8.14
N VAL A 543 24.07 -7.94 6.95
CA VAL A 543 25.19 -7.07 6.60
C VAL A 543 24.77 -5.60 6.44
N ALA A 544 25.67 -4.68 6.79
CA ALA A 544 25.38 -3.25 6.84
C ALA A 544 25.05 -2.63 5.48
N SER A 545 25.64 -3.15 4.41
CA SER A 545 25.41 -2.62 3.07
C SER A 545 24.00 -2.90 2.52
N SER A 546 23.30 -3.84 3.15
CA SER A 546 21.94 -4.20 2.75
C SER A 546 20.88 -3.42 3.52
N ARG A 547 21.25 -2.88 4.67
CA ARG A 547 20.33 -2.20 5.56
C ARG A 547 20.21 -0.70 5.21
N VAL A 548 19.78 -0.43 3.97
CA VAL A 548 19.82 0.90 3.38
C VAL A 548 18.50 1.26 2.67
N PRO A 549 18.31 2.56 2.32
CA PRO A 549 17.25 2.92 1.38
C PRO A 549 17.63 2.61 -0.06
N ILE A 550 16.62 2.36 -0.91
CA ILE A 550 16.81 2.28 -2.36
C ILE A 550 17.36 3.62 -2.87
N GLU A 551 18.33 3.54 -3.78
CA GLU A 551 18.91 4.74 -4.39
C GLU A 551 17.91 5.39 -5.34
N VAL A 552 17.67 6.69 -5.16
CA VAL A 552 16.68 7.41 -5.97
C VAL A 552 17.21 8.70 -6.58
N THR A 553 16.70 9.02 -7.76
CA THR A 553 16.77 10.37 -8.30
C THR A 553 15.45 11.03 -7.98
N GLU A 554 15.50 12.27 -7.50
CA GLU A 554 14.30 13.07 -7.31
C GLU A 554 13.48 13.08 -8.60
N LEU A 555 12.17 12.95 -8.47
CA LEU A 555 11.26 13.01 -9.63
C LEU A 555 11.24 14.42 -10.22
N GLU A 556 10.96 14.51 -11.52
CA GLU A 556 11.08 15.77 -12.25
C GLU A 556 10.34 16.90 -11.54
N ASN A 557 11.09 17.93 -11.16
CA ASN A 557 10.56 19.15 -10.54
C ASN A 557 9.76 18.94 -9.26
N TRP A 558 9.99 17.81 -8.59
CA TRP A 558 9.17 17.37 -7.44
C TRP A 558 9.17 18.34 -6.26
N GLN A 559 7.97 18.62 -5.76
CA GLN A 559 7.79 19.40 -4.52
C GLN A 559 7.33 18.49 -3.38
N VAL A 560 7.81 18.78 -2.18
CA VAL A 560 7.42 18.04 -0.98
C VAL A 560 5.93 18.27 -0.70
N LEU A 561 5.20 17.20 -0.40
CA LEU A 561 3.75 17.26 -0.19
C LEU A 561 3.33 17.45 1.26
N THR A 562 4.00 16.77 2.19
CA THR A 562 3.66 16.81 3.62
C THR A 562 3.68 18.23 4.17
N PRO A 563 2.73 18.58 5.06
CA PRO A 563 2.63 19.91 5.65
C PRO A 563 3.88 20.29 6.45
N PRO A 564 4.12 21.61 6.65
CA PRO A 564 5.37 22.12 7.25
C PRO A 564 5.81 21.42 8.54
N GLN A 565 5.10 21.71 9.64
CA GLN A 565 5.41 21.18 10.97
C GLN A 565 4.28 21.61 11.89
N GLY A 566 3.78 20.67 12.68
CA GLY A 566 2.55 20.90 13.41
C GLY A 566 1.46 20.08 12.75
N LYS A 567 0.22 20.59 12.78
CA LYS A 567 -0.91 19.78 12.36
C LYS A 567 -2.09 20.59 11.82
N ILE A 568 -2.59 20.18 10.66
CA ILE A 568 -3.88 20.66 10.16
C ILE A 568 -4.95 19.89 10.92
N LEU A 569 -5.78 20.58 11.69
CA LEU A 569 -6.81 19.91 12.47
C LEU A 569 -7.85 19.23 11.59
N GLY A 570 -8.22 19.92 10.51
CA GLY A 570 -9.14 19.39 9.52
C GLY A 570 -9.38 20.41 8.44
N LEU A 571 -9.69 19.94 7.23
CA LEU A 571 -10.03 20.83 6.13
C LEU A 571 -11.55 20.99 6.06
N LYS A 572 -12.07 21.76 6.99
CA LYS A 572 -13.50 22.02 7.18
C LYS A 572 -13.65 23.27 8.04
N GLN A 573 -14.88 23.72 8.22
CA GLN A 573 -15.18 24.69 9.27
C GLN A 573 -15.55 23.95 10.56
N PHE A 574 -14.87 24.30 11.64
CA PHE A 574 -15.14 23.70 12.95
C PHE A 574 -16.28 24.45 13.63
N LYS A 575 -17.13 23.72 14.34
CA LYS A 575 -18.31 24.31 15.00
C LYS A 575 -18.52 23.67 16.35
N LEU A 576 -19.14 24.41 17.26
CA LEU A 576 -19.63 23.84 18.52
C LEU A 576 -20.71 22.79 18.24
N THR A 577 -20.43 21.56 18.65
CA THR A 577 -21.36 20.44 18.45
C THR A 577 -22.46 20.48 19.51
N ALA A 578 -22.08 20.67 20.77
CA ALA A 578 -23.00 20.56 21.90
C ALA A 578 -23.00 21.81 22.78
N GLY A 579 -23.18 22.97 22.15
CA GLY A 579 -23.20 24.26 22.87
C GLY A 579 -21.86 24.60 23.50
N PHE A 580 -21.84 25.64 24.33
CA PHE A 580 -20.61 26.10 24.98
C PHE A 580 -19.99 25.04 25.89
N PRO A 581 -18.64 24.95 25.88
CA PRO A 581 -17.95 24.07 26.81
C PRO A 581 -18.08 24.60 28.23
N THR A 582 -18.09 23.69 29.19
CA THR A 582 -18.16 24.06 30.60
C THR A 582 -17.08 23.30 31.34
N GLU A 583 -16.86 23.62 32.61
CA GLU A 583 -15.98 22.83 33.47
C GLU A 583 -16.50 21.40 33.63
N GLN A 584 -17.83 21.25 33.61
CA GLN A 584 -18.47 19.93 33.61
C GLN A 584 -18.03 19.09 32.42
N SER A 585 -18.11 19.66 31.22
CA SER A 585 -17.78 18.96 29.99
C SER A 585 -16.28 18.74 29.84
N ARG A 586 -15.48 19.63 30.43
CA ARG A 586 -14.03 19.57 30.34
C ARG A 586 -13.40 18.56 31.28
N LEU A 587 -14.12 18.25 32.37
CA LEU A 587 -13.62 17.33 33.40
C LEU A 587 -13.22 15.94 32.88
N PRO A 588 -14.07 15.28 32.07
CA PRO A 588 -13.69 14.01 31.45
C PRO A 588 -12.43 14.07 30.60
N LEU A 589 -12.19 15.20 29.94
CA LEU A 589 -11.00 15.38 29.10
C LEU A 589 -9.74 15.46 29.94
N LEU A 590 -9.87 16.04 31.14
CA LEU A 590 -8.76 16.16 32.08
C LEU A 590 -8.45 14.86 32.80
N GLU A 591 -9.50 14.15 33.21
CA GLU A 591 -9.34 12.90 33.98
C GLU A 591 -8.85 11.74 33.10
N ASN A 592 -9.25 11.74 31.83
CA ASN A 592 -8.83 10.71 30.89
C ASN A 592 -7.44 10.95 30.30
N SER A 593 -6.87 12.12 30.57
CA SER A 593 -5.57 12.51 30.03
C SER A 593 -4.42 11.82 30.78
N VAL A 594 -4.72 11.35 31.99
CA VAL A 594 -3.72 10.79 32.87
C VAL A 594 -4.27 9.54 33.57
N SER A 595 -3.37 8.66 34.03
CA SER A 595 -3.76 7.45 34.75
C SER A 595 -4.41 7.75 36.10
N GLU A 596 -5.26 6.84 36.55
CA GLU A 596 -6.10 7.02 37.74
C GLU A 596 -5.32 7.35 39.02
N ASP A 597 -4.13 6.78 39.16
CA ASP A 597 -3.27 7.03 40.33
C ASP A 597 -2.55 8.38 40.29
N LEU A 598 -2.69 9.09 39.17
CA LEU A 598 -2.12 10.43 39.02
C LEU A 598 -3.22 11.48 38.91
N ARG A 599 -4.46 11.02 38.78
CA ARG A 599 -5.63 11.89 38.60
C ARG A 599 -5.76 12.99 39.66
N GLU A 600 -5.63 12.61 40.93
CA GLU A 600 -5.80 13.55 42.04
C GLU A 600 -4.70 14.62 42.13
N GLU A 601 -3.50 14.29 41.69
CA GLU A 601 -2.38 15.24 41.68
C GLU A 601 -2.57 16.31 40.59
N LEU A 602 -3.06 15.90 39.43
CA LEU A 602 -3.37 16.81 38.33
C LEU A 602 -4.44 17.82 38.74
N MET A 603 -5.53 17.34 39.36
CA MET A 603 -6.60 18.21 39.84
C MET A 603 -6.10 19.20 40.89
N GLN A 604 -5.19 18.75 41.74
CA GLN A 604 -4.54 19.62 42.73
C GLN A 604 -3.74 20.72 42.05
N LYS A 605 -3.00 20.36 41.01
CA LYS A 605 -2.23 21.32 40.21
C LYS A 605 -3.14 22.31 39.49
N ILE A 606 -4.22 21.81 38.90
CA ILE A 606 -5.20 22.64 38.19
C ILE A 606 -5.93 23.59 39.16
N ASP A 607 -6.24 23.11 40.36
CA ASP A 607 -6.82 23.93 41.41
C ASP A 607 -5.83 25.01 41.87
N ALA A 608 -4.57 24.62 42.01
CA ALA A 608 -3.49 25.54 42.40
C ALA A 608 -3.39 26.71 41.44
N ILE A 609 -3.38 26.40 40.14
CA ILE A 609 -3.24 27.40 39.07
C ILE A 609 -4.43 28.35 39.04
N LYS A 610 -5.64 27.77 39.08
CA LYS A 610 -6.87 28.55 39.01
C LYS A 610 -7.14 29.42 40.24
N ASN A 611 -6.53 29.06 41.37
CA ASN A 611 -6.65 29.84 42.60
C ASN A 611 -5.38 30.60 42.96
N ASP A 612 -4.49 30.79 41.98
CA ASP A 612 -3.31 31.61 42.16
C ASP A 612 -3.64 33.08 41.93
N VAL A 613 -3.21 33.93 42.86
CA VAL A 613 -3.52 35.35 42.84
C VAL A 613 -2.82 36.06 41.68
N LYS A 614 -1.57 35.70 41.43
CA LYS A 614 -0.80 36.32 40.35
C LYS A 614 -1.30 35.85 38.98
N MET A 615 -1.85 34.64 38.92
CA MET A 615 -2.47 34.10 37.70
C MET A 615 -3.77 34.80 37.35
N ASN A 616 -4.59 35.07 38.35
CA ASN A 616 -5.84 35.79 38.14
C ASN A 616 -5.62 37.27 37.78
N SER A 617 -4.47 37.81 38.16
CA SER A 617 -4.05 39.15 37.76
C SER A 617 -3.84 39.25 36.26
N LEU A 618 -3.37 38.14 35.69
CA LEU A 618 -2.98 38.09 34.28
C LEU A 618 -4.17 37.92 33.34
N VAL A 619 -5.32 37.58 33.91
CA VAL A 619 -6.54 37.28 33.14
C VAL A 619 -6.97 38.46 32.27
N CYS A 620 -7.22 38.17 30.99
CA CYS A 620 -7.59 39.19 30.03
C CYS A 620 -8.61 38.66 29.03
N MET A 621 -9.56 39.51 28.65
CA MET A 621 -10.56 39.15 27.64
C MET A 621 -10.49 40.08 26.41
N GLU A 622 -9.38 40.80 26.30
CA GLU A 622 -9.12 41.67 25.16
C GLU A 622 -8.70 40.85 23.94
N ALA A 623 -9.21 41.22 22.77
CA ALA A 623 -8.89 40.54 21.51
C ALA A 623 -7.38 40.58 21.24
N GLY A 624 -6.79 39.40 21.05
CA GLY A 624 -5.36 39.26 20.79
C GLY A 624 -4.44 39.30 21.99
N SER A 625 -5.02 39.32 23.19
CA SER A 625 -4.24 39.51 24.43
C SER A 625 -3.26 38.39 24.77
N SER A 626 -3.47 37.20 24.21
CA SER A 626 -2.57 36.05 24.43
C SER A 626 -1.10 36.38 24.16
N ASP A 627 -0.87 37.33 23.25
CA ASP A 627 0.48 37.78 22.94
C ASP A 627 1.27 38.26 24.16
N SER A 628 0.64 39.08 25.00
CA SER A 628 1.29 39.58 26.22
C SER A 628 1.02 38.71 27.46
N VAL A 629 -0.13 38.02 27.47
CA VAL A 629 -0.56 37.21 28.61
C VAL A 629 0.20 35.88 28.72
N SER A 630 0.27 35.16 27.61
CA SER A 630 0.93 33.86 27.54
C SER A 630 2.34 33.79 28.19
N PRO A 631 3.24 34.75 27.86
CA PRO A 631 4.58 34.70 28.49
C PRO A 631 4.56 34.98 30.00
N LYS A 632 3.69 35.87 30.43
CA LYS A 632 3.50 36.14 31.87
C LYS A 632 3.02 34.88 32.60
N VAL A 633 2.12 34.12 31.98
CA VAL A 633 1.65 32.83 32.51
C VAL A 633 2.80 31.84 32.65
N ALA A 634 3.64 31.75 31.61
CA ALA A 634 4.78 30.82 31.61
C ALA A 634 5.75 31.13 32.76
N ALA A 635 5.96 32.42 33.01
CA ALA A 635 6.84 32.89 34.08
C ALA A 635 6.27 32.57 35.47
N ARG A 636 4.96 32.73 35.64
CA ARG A 636 4.31 32.43 36.91
C ARG A 636 4.26 30.93 37.18
N LEU A 637 4.00 30.14 36.14
CA LEU A 637 4.02 28.68 36.28
C LEU A 637 5.38 28.20 36.79
N LYS A 638 6.44 28.83 36.30
CA LYS A 638 7.82 28.52 36.67
C LYS A 638 8.04 28.77 38.15
N ASP A 639 7.60 29.95 38.61
CA ASP A 639 7.72 30.36 40.00
C ASP A 639 6.88 29.52 40.97
N MET A 640 5.79 28.94 40.47
CA MET A 640 4.97 28.03 41.28
C MET A 640 5.61 26.64 41.39
N GLY A 641 6.73 26.45 40.69
CA GLY A 641 7.45 25.19 40.70
C GLY A 641 6.96 24.15 39.72
N LEU A 642 6.17 24.57 38.73
CA LEU A 642 5.69 23.66 37.68
C LEU A 642 6.73 23.56 36.57
N GLU A 643 6.71 22.45 35.83
CA GLU A 643 7.61 22.30 34.70
C GLU A 643 7.00 22.94 33.46
N ALA A 644 7.72 23.89 32.87
CA ALA A 644 7.29 24.58 31.67
C ALA A 644 7.13 23.62 30.50
N GLY A 645 6.06 23.80 29.73
CA GLY A 645 5.91 23.13 28.46
C GLY A 645 6.28 24.08 27.32
N MET A 646 6.25 23.58 26.10
CA MET A 646 6.61 24.36 24.91
C MET A 646 5.59 25.43 24.54
N GLY A 647 4.35 25.21 24.96
CA GLY A 647 3.25 26.08 24.59
C GLY A 647 2.65 25.56 23.30
N ALA A 648 1.68 26.30 22.78
CA ALA A 648 0.95 25.89 21.59
C ALA A 648 0.29 27.10 20.98
N SER A 649 0.17 27.08 19.65
CA SER A 649 -0.46 28.15 18.91
C SER A 649 -1.39 27.57 17.87
N ILE A 650 -2.52 28.23 17.64
CA ILE A 650 -3.46 27.81 16.64
C ILE A 650 -3.78 28.98 15.72
N THR A 651 -3.91 28.72 14.43
CA THR A 651 -4.19 29.77 13.47
C THR A 651 -5.24 29.26 12.48
N TRP A 652 -6.06 30.15 11.95
CA TRP A 652 -7.12 29.74 11.02
C TRP A 652 -7.56 30.86 10.08
N TRP A 653 -8.32 30.52 9.05
CA TRP A 653 -8.88 31.51 8.13
C TRP A 653 -10.25 31.96 8.61
N ARG A 654 -10.55 33.24 8.38
CA ARG A 654 -11.83 33.81 8.74
C ARG A 654 -12.40 34.63 7.57
N ARG A 655 -13.65 34.35 7.22
CA ARG A 655 -14.36 35.08 6.16
C ARG A 655 -14.45 36.56 6.52
N GLU A 656 -13.92 37.39 5.62
CA GLU A 656 -14.01 38.84 5.76
C GLU A 656 -14.94 39.42 4.70
N GLY A 657 -15.28 40.69 4.83
CA GLY A 657 -16.13 41.38 3.88
C GLY A 657 -15.55 41.33 2.47
N GLY A 658 -16.44 41.17 1.48
CA GLY A 658 -16.07 41.16 0.08
C GLY A 658 -15.18 40.01 -0.35
N MET A 659 -15.57 38.80 0.06
CA MET A 659 -14.89 37.55 -0.35
C MET A 659 -13.37 37.51 -0.07
N GLU A 660 -12.95 38.09 1.04
CA GLU A 660 -11.56 37.96 1.48
C GLU A 660 -11.52 37.02 2.68
N PHE A 661 -10.35 36.41 2.89
CA PHE A 661 -10.12 35.60 4.08
C PHE A 661 -8.89 36.10 4.82
N SER A 662 -9.10 36.52 6.06
CA SER A 662 -8.01 36.91 6.94
C SER A 662 -7.56 35.69 7.73
N HIS A 663 -6.37 35.78 8.30
CA HIS A 663 -5.90 34.77 9.24
C HIS A 663 -6.10 35.27 10.67
N GLN A 664 -6.55 34.38 11.54
CA GLN A 664 -6.70 34.70 12.96
C GLN A 664 -5.88 33.70 13.75
N MET A 665 -5.32 34.14 14.88
CA MET A 665 -4.47 33.24 15.65
C MET A 665 -4.61 33.44 17.15
N HIS A 666 -4.19 32.42 17.90
CA HIS A 666 -4.25 32.41 19.36
C HIS A 666 -3.16 31.49 19.91
N THR A 667 -2.51 31.92 20.98
CA THR A 667 -1.41 31.16 21.57
C THR A 667 -1.56 30.95 23.08
N THR A 668 -0.94 29.90 23.59
CA THR A 668 -1.00 29.64 25.03
C THR A 668 0.30 29.08 25.63
N ALA A 669 0.56 29.42 26.89
CA ALA A 669 1.55 28.70 27.68
C ALA A 669 0.99 27.36 28.15
N SER A 670 1.88 26.49 28.64
CA SER A 670 1.49 25.18 29.13
C SER A 670 2.41 24.67 30.24
N PHE A 671 1.95 23.67 30.98
CA PHE A 671 2.84 22.95 31.89
C PHE A 671 2.93 21.48 31.51
N LYS A 672 4.05 20.85 31.87
CA LYS A 672 4.26 19.43 31.65
C LYS A 672 3.92 18.63 32.88
N PHE A 673 3.13 17.58 32.68
CA PHE A 673 2.82 16.62 33.74
C PHE A 673 2.53 15.26 33.14
N ALA A 674 3.21 14.24 33.67
CA ALA A 674 3.10 12.85 33.20
C ALA A 674 3.38 12.73 31.70
N GLY A 675 4.42 13.43 31.25
CA GLY A 675 4.80 13.44 29.82
C GLY A 675 3.73 14.01 28.88
N LYS A 676 2.86 14.87 29.41
CA LYS A 676 1.82 15.52 28.63
C LYS A 676 1.81 17.02 28.91
N GLU A 677 1.41 17.80 27.89
CA GLU A 677 1.32 19.24 28.04
C GLU A 677 -0.11 19.71 28.24
N PHE A 678 -0.29 20.59 29.22
CA PHE A 678 -1.60 21.13 29.54
C PHE A 678 -1.60 22.64 29.36
N ALA A 679 -2.42 23.12 28.43
CA ALA A 679 -2.57 24.55 28.19
C ALA A 679 -3.04 25.28 29.45
N VAL A 680 -2.47 26.45 29.69
CA VAL A 680 -2.97 27.35 30.71
C VAL A 680 -3.32 28.68 30.03
N ASP A 681 -4.59 28.81 29.66
CA ASP A 681 -5.04 29.90 28.81
C ASP A 681 -5.86 30.96 29.57
N ALA A 682 -5.19 32.01 29.98
CA ALA A 682 -5.78 33.10 30.76
C ALA A 682 -6.38 34.21 29.89
N SER A 683 -6.43 34.01 28.57
CA SER A 683 -7.02 35.00 27.68
C SER A 683 -8.11 34.43 26.77
N HIS A 684 -8.58 33.24 27.11
CA HIS A 684 -9.59 32.54 26.29
C HIS A 684 -10.96 33.21 26.29
N LEU A 685 -11.27 34.04 27.28
CA LEU A 685 -12.59 34.70 27.38
C LEU A 685 -12.80 35.82 26.35
N GLN A 686 -11.76 36.13 25.57
CA GLN A 686 -11.91 37.02 24.41
C GLN A 686 -12.78 36.33 23.36
N PHE A 687 -12.91 35.02 23.49
CA PHE A 687 -13.71 34.23 22.58
C PHE A 687 -15.06 33.88 23.19
N VAL A 688 -16.06 33.80 22.33
CA VAL A 688 -17.41 33.32 22.64
C VAL A 688 -17.41 32.16 23.67
N HIS A 689 -18.13 32.35 24.77
CA HIS A 689 -18.03 31.46 25.93
C HIS A 689 -19.31 31.39 26.77
N ASP A 690 -19.46 30.31 27.54
CA ASP A 690 -20.56 30.16 28.49
C ASP A 690 -20.52 31.28 29.53
N GLN A 691 -21.70 31.70 29.99
CA GLN A 691 -21.85 32.86 30.88
C GLN A 691 -21.06 32.76 32.20
N LEU A 692 -20.99 31.55 32.75
CA LEU A 692 -20.36 31.33 34.05
C LEU A 692 -18.95 30.76 33.95
N ASP A 693 -18.38 30.74 32.74
CA ASP A 693 -17.13 30.03 32.48
C ASP A 693 -15.95 30.54 33.30
N THR A 694 -15.04 29.63 33.62
CA THR A 694 -13.78 29.93 34.30
C THR A 694 -12.95 30.95 33.50
N THR A 695 -12.10 31.71 34.20
CA THR A 695 -11.31 32.75 33.55
C THR A 695 -10.01 32.22 32.93
N ILE A 696 -9.50 31.13 33.49
CA ILE A 696 -8.28 30.47 33.01
C ILE A 696 -8.64 29.09 32.47
N LEU A 697 -8.31 28.84 31.20
CA LEU A 697 -8.64 27.57 30.55
C LEU A 697 -7.48 26.57 30.61
N ILE A 698 -7.76 25.41 31.18
CA ILE A 698 -6.77 24.34 31.32
C ILE A 698 -7.30 23.04 30.73
N LEU A 699 -6.64 22.59 29.67
CA LEU A 699 -6.98 21.36 28.97
C LEU A 699 -5.69 20.78 28.38
N PRO A 700 -5.67 19.46 28.08
CA PRO A 700 -4.56 18.92 27.29
C PRO A 700 -4.49 19.69 25.98
N VAL A 701 -3.27 19.95 25.49
CA VAL A 701 -3.08 20.88 24.37
C VAL A 701 -3.98 20.60 23.16
N ASP A 702 -4.20 19.31 22.86
CA ASP A 702 -5.04 18.90 21.73
C ASP A 702 -6.51 19.22 21.96
N ASP A 703 -6.96 19.11 23.20
CA ASP A 703 -8.32 19.47 23.58
C ASP A 703 -8.47 20.99 23.60
N TRP A 704 -7.41 21.70 23.99
CA TRP A 704 -7.39 23.17 23.93
C TRP A 704 -7.58 23.67 22.49
N ALA A 705 -6.87 23.06 21.54
CA ALA A 705 -6.92 23.50 20.15
C ALA A 705 -8.31 23.32 19.55
N LEU A 706 -8.87 22.12 19.72
CA LEU A 706 -10.23 21.82 19.29
C LEU A 706 -11.23 22.83 19.83
N GLU A 707 -11.17 23.10 21.13
CA GLU A 707 -12.11 24.04 21.76
C GLU A 707 -12.02 25.43 21.14
N ILE A 708 -10.80 25.96 21.02
CA ILE A 708 -10.57 27.28 20.40
C ILE A 708 -11.06 27.31 18.95
N ALA A 709 -10.79 26.24 18.21
CA ALA A 709 -11.24 26.15 16.81
C ALA A 709 -12.77 26.18 16.69
N GLN A 710 -13.45 25.38 17.52
CA GLN A 710 -14.92 25.28 17.51
C GLN A 710 -15.63 26.55 17.95
N ARG A 711 -15.10 27.21 18.98
CA ARG A 711 -15.70 28.43 19.51
C ARG A 711 -15.60 29.60 18.53
N ASN A 712 -14.52 29.58 17.74
CA ASN A 712 -14.27 30.60 16.72
C ASN A 712 -14.83 30.24 15.36
N ARG A 713 -15.42 29.06 15.27
CA ARG A 713 -15.89 28.51 14.00
C ARG A 713 -14.79 28.63 12.93
N ALA A 714 -13.63 28.07 13.27
CA ALA A 714 -12.40 28.22 12.50
C ALA A 714 -12.38 27.41 11.19
N ILE A 715 -11.99 28.07 10.10
CA ILE A 715 -11.84 27.39 8.82
C ILE A 715 -10.39 26.91 8.65
N ASN A 716 -10.24 25.62 8.36
CA ASN A 716 -8.94 24.97 8.11
C ASN A 716 -7.87 25.34 9.14
N PRO A 717 -8.15 25.09 10.44
CA PRO A 717 -7.21 25.52 11.48
C PRO A 717 -5.95 24.68 11.53
N PHE A 718 -4.86 25.31 11.98
CA PHE A 718 -3.55 24.70 11.99
C PHE A 718 -2.89 24.94 13.35
N VAL A 719 -2.36 23.88 13.96
CA VAL A 719 -1.70 23.99 15.26
C VAL A 719 -0.19 23.76 15.17
N GLU A 720 0.56 24.66 15.80
CA GLU A 720 1.97 24.41 16.10
C GLU A 720 2.14 24.28 17.61
N TYR A 721 2.90 23.28 18.02
CA TYR A 721 3.11 23.01 19.44
C TYR A 721 4.29 23.83 19.98
N VAL A 722 4.16 25.15 19.84
CA VAL A 722 5.03 26.14 20.46
C VAL A 722 4.17 27.34 20.75
N SER A 723 4.45 28.01 21.85
CA SER A 723 3.85 29.32 22.07
C SER A 723 4.62 30.34 21.21
N LYS A 724 3.92 31.39 20.76
CA LYS A 724 4.51 32.38 19.88
C LYS A 724 4.22 33.77 20.40
N THR A 725 5.08 34.73 20.05
CA THR A 725 4.91 36.12 20.48
C THR A 725 5.38 37.13 19.40
N GLY A 726 4.87 38.36 19.48
CA GLY A 726 5.23 39.41 18.53
C GLY A 726 4.89 39.06 17.07
N ASN A 727 5.85 39.28 16.18
CA ASN A 727 5.69 39.05 14.74
C ASN A 727 5.41 37.61 14.40
N MET A 728 5.98 36.72 15.20
CA MET A 728 5.86 35.28 14.98
C MET A 728 4.49 34.74 15.36
N LEU A 729 3.74 35.52 16.12
CA LEU A 729 2.32 35.24 16.37
C LEU A 729 1.46 36.01 15.37
N ALA A 730 1.83 37.27 15.13
CA ALA A 730 1.01 38.19 14.34
C ALA A 730 0.90 37.76 12.88
N LEU A 731 1.89 37.04 12.39
CA LEU A 731 1.87 36.58 10.99
C LEU A 731 1.84 35.05 10.88
N PHE A 732 1.54 34.40 12.00
CA PHE A 732 1.33 32.95 12.01
C PHE A 732 -0.01 32.63 11.34
N MET A 733 0.05 31.87 10.24
CA MET A 733 -1.13 31.50 9.46
C MET A 733 -1.01 30.04 9.01
N PRO A 734 -2.14 29.40 8.63
CA PRO A 734 -2.08 28.02 8.13
C PRO A 734 -1.32 27.90 6.80
N PRO A 735 -0.91 26.67 6.41
CA PRO A 735 -0.34 26.44 5.09
C PRO A 735 -1.15 27.16 4.03
N LEU A 736 -0.46 27.82 3.09
CA LEU A 736 -1.12 28.72 2.16
C LEU A 736 -2.12 28.04 1.20
N PHE A 737 -1.89 26.76 0.91
CA PHE A 737 -2.77 26.01 0.02
C PHE A 737 -4.15 25.72 0.67
N THR A 738 -4.27 25.96 1.98
CA THR A 738 -5.54 25.75 2.67
C THR A 738 -6.43 26.99 2.70
N LYS A 739 -5.88 28.14 2.32
CA LYS A 739 -6.68 29.36 2.25
C LYS A 739 -7.81 29.17 1.24
N PRO A 740 -9.07 29.26 1.69
CA PRO A 740 -10.19 28.92 0.81
C PRO A 740 -10.13 29.72 -0.49
N ARG A 741 -10.33 29.03 -1.61
CA ARG A 741 -10.33 29.66 -2.93
C ARG A 741 -11.53 29.22 -3.77
N LEU A 742 -11.89 30.05 -4.74
CA LEU A 742 -12.92 29.71 -5.71
C LEU A 742 -12.39 28.68 -6.70
N THR A 743 -13.28 27.80 -7.15
CA THR A 743 -12.97 26.86 -8.23
C THR A 743 -12.90 27.64 -9.55
N ARG A 744 -11.98 27.23 -10.43
CA ARG A 744 -12.05 27.60 -11.86
C ARG A 744 -13.44 27.16 -12.36
N ALA A 745 -14.15 27.93 -13.20
CA ALA A 745 -13.66 28.89 -14.20
C ALA A 745 -13.18 28.07 -15.41
N LEU A 746 -14.00 27.97 -16.47
CA LEU A 746 -15.28 28.68 -16.64
C LEU A 746 -16.31 28.58 -15.50
#